data_3L01
#
_entry.id   3L01
#
_cell.length_a   103.604
_cell.length_b   119.017
_cell.length_c   141.101
_cell.angle_alpha   90.000
_cell.angle_beta   90.000
_cell.angle_gamma   90.000
#
_symmetry.space_group_name_H-M   'P 21 21 21'
#
loop_
_entity.id
_entity.type
_entity.pdbx_description
1 polymer 'GlgA glycogen synthase'
2 branched alpha-D-glucopyranose-(1-4)-alpha-D-glucopyranose-(1-4)-alpha-D-glucopyranose-(1-4)-alpha-D-glucopyranose
3 non-polymer 'POTASSIUM ION'
4 non-polymer 'CHLORIDE ION'
5 non-polymer GLYCEROL
6 water water
#
_entity_poly.entity_id   1
_entity_poly.type   'polypeptide(L)'
_entity_poly.pdbx_seq_one_letter_code
;RHMKVLLLGFEFLPVKVGGLAEALTAISEALASLGHEVLVFTPSHGRFQGEEIGKIRVFGEEVQVKVSYEERGNLRIYRI
GGGLLDSEDVYGPGWDGLIRKAVTFGRASVLLLNDLLREEPLPDVVHFHDWHTVFAGALIKKYFKIPAVFTIHRLNKSKL
PAFYFHEAGLSELAPYPDIDPEHTGGYIADIVTTVSRGYLIDEWGFFRNFEGKITYVFNGIDCSFWNESYLTGSRDERKK
SLLSKFGMDEGVTFMFIGRFDRGQKGVDVLLKAIEILSSKKEFQEMRFIIIGKGDPELEGWARSLEEKHGNVKVITEMLS
REFVRELYGSVDFVIIPSYFEPFGLVALEAMCLGAIPIASAVGGLRDIITNETGILVKAGDPGELANAILKALELSRSDL
SKFRENCKKRAMSFSWEKSAERYVKAYA
;
_entity_poly.pdbx_strand_id   A,B
#
loop_
_chem_comp.id
_chem_comp.type
_chem_comp.name
_chem_comp.formula
CL non-polymer 'CHLORIDE ION' 'Cl -1'
GLC D-saccharide, alpha linking alpha-D-glucopyranose 'C6 H12 O6'
GOL non-polymer GLYCEROL 'C3 H8 O3'
K non-polymer 'POTASSIUM ION' 'K 1'
#
# COMPACT_ATOMS: atom_id res chain seq x y z
N ARG A 1 4.08 40.81 -0.99
CA ARG A 1 5.24 40.34 -0.19
C ARG A 1 4.94 38.99 0.43
N HIS A 2 4.61 39.02 1.72
CA HIS A 2 4.42 37.81 2.53
C HIS A 2 3.30 36.92 2.02
N MET A 3 3.57 35.64 1.85
CA MET A 3 2.53 34.72 1.47
C MET A 3 2.38 33.60 2.49
N LYS A 4 1.26 32.90 2.41
CA LYS A 4 1.03 31.75 3.23
C LYS A 4 0.91 30.59 2.29
N VAL A 5 1.85 29.67 2.39
CA VAL A 5 2.00 28.57 1.46
C VAL A 5 1.62 27.19 2.06
N LEU A 6 0.80 26.43 1.35
CA LEU A 6 0.53 25.05 1.73
C LEU A 6 1.33 24.14 0.83
N LEU A 7 2.28 23.42 1.40
CA LEU A 7 3.17 22.60 0.61
C LEU A 7 2.87 21.12 0.86
N LEU A 8 2.58 20.38 -0.19
CA LEU A 8 2.25 18.97 -0.08
C LEU A 8 3.36 18.13 -0.64
N GLY A 9 3.92 17.24 0.18
CA GLY A 9 5.03 16.41 -0.25
C GLY A 9 4.87 15.05 0.38
N PHE A 10 5.36 14.01 -0.28
CA PHE A 10 5.15 12.66 0.17
C PHE A 10 6.30 12.14 1.03
N GLU A 11 7.42 12.84 1.00
CA GLU A 11 8.48 12.58 1.96
C GLU A 11 9.07 13.94 2.41
N PHE A 12 9.70 13.94 3.59
CA PHE A 12 10.11 15.13 4.29
C PHE A 12 10.97 14.70 5.48
N LEU A 13 12.15 15.30 5.65
CA LEU A 13 13.07 14.86 6.67
C LEU A 13 12.28 14.84 7.96
N PRO A 14 12.55 13.87 8.84
CA PRO A 14 13.57 12.84 8.77
C PRO A 14 13.16 11.60 7.97
N VAL A 15 11.99 11.62 7.30
CA VAL A 15 11.56 10.42 6.57
C VAL A 15 11.84 10.54 5.10
N LYS A 16 12.81 9.78 4.64
CA LYS A 16 13.31 9.92 3.27
C LYS A 16 13.50 8.58 2.55
N VAL A 17 13.39 8.57 1.21
CA VAL A 17 13.81 7.42 0.43
C VAL A 17 15.11 7.78 -0.33
N GLY A 18 15.03 8.61 -1.36
CA GLY A 18 16.22 9.18 -1.99
C GLY A 18 16.28 10.64 -1.55
N GLY A 19 16.68 11.53 -2.45
CA GLY A 19 16.89 12.91 -2.09
C GLY A 19 15.69 13.80 -1.93
N LEU A 20 14.51 13.32 -2.28
CA LEU A 20 13.34 14.20 -2.27
C LEU A 20 13.04 14.79 -0.89
N ALA A 21 13.09 13.97 0.15
CA ALA A 21 12.86 14.48 1.51
C ALA A 21 13.70 15.72 1.79
N GLU A 22 14.97 15.64 1.42
CA GLU A 22 15.94 16.68 1.74
C GLU A 22 15.70 17.92 0.92
N ALA A 23 15.22 17.72 -0.32
CA ALA A 23 14.96 18.81 -1.22
C ALA A 23 13.72 19.54 -0.75
N LEU A 24 12.73 18.80 -0.30
CA LEU A 24 11.49 19.42 0.15
C LEU A 24 11.68 20.14 1.50
N THR A 25 12.45 19.52 2.39
CA THR A 25 12.77 20.18 3.63
C THR A 25 13.55 21.49 3.34
N ALA A 26 14.44 21.44 2.34
CA ALA A 26 15.28 22.58 2.03
C ALA A 26 14.44 23.73 1.53
N ILE A 27 13.60 23.44 0.56
CA ILE A 27 12.67 24.43 0.02
C ILE A 27 11.80 25.12 1.07
N SER A 28 11.23 24.32 1.96
CA SER A 28 10.35 24.79 3.03
C SER A 28 11.07 25.70 4.00
N GLU A 29 12.27 25.31 4.36
CA GLU A 29 13.12 26.09 5.24
C GLU A 29 13.50 27.41 4.57
N ALA A 30 13.81 27.35 3.28
CA ALA A 30 14.14 28.55 2.55
C ALA A 30 12.95 29.50 2.45
N LEU A 31 11.80 28.97 2.05
CA LEU A 31 10.60 29.78 2.04
C LEU A 31 10.37 30.45 3.38
N ALA A 32 10.41 29.64 4.43
CA ALA A 32 10.16 30.16 5.77
C ALA A 32 11.10 31.30 6.11
N SER A 33 12.37 31.12 5.83
CA SER A 33 13.35 32.08 6.27
C SER A 33 13.27 33.38 5.47
N LEU A 34 12.64 33.36 4.31
CA LEU A 34 12.34 34.60 3.60
C LEU A 34 11.14 35.31 4.24
N GLY A 35 10.56 34.76 5.30
CA GLY A 35 9.44 35.38 5.97
C GLY A 35 8.05 34.87 5.62
N HIS A 36 7.96 33.87 4.76
CA HIS A 36 6.65 33.36 4.42
C HIS A 36 6.19 32.31 5.41
N GLU A 37 4.87 32.23 5.51
CA GLU A 37 4.27 31.23 6.36
C GLU A 37 4.09 29.97 5.54
N VAL A 38 4.68 28.88 6.01
CA VAL A 38 4.75 27.65 5.23
C VAL A 38 4.14 26.54 6.06
N LEU A 39 3.08 25.93 5.54
CA LEU A 39 2.50 24.75 6.14
C LEU A 39 2.82 23.56 5.29
N VAL A 40 3.34 22.52 5.91
CA VAL A 40 3.70 21.33 5.20
C VAL A 40 2.76 20.22 5.60
N PHE A 41 2.08 19.61 4.63
CA PHE A 41 1.37 18.34 4.85
C PHE A 41 2.19 17.19 4.22
N THR A 42 2.43 16.13 5.00
CA THR A 42 3.18 15.00 4.54
C THR A 42 2.73 13.82 5.40
N PRO A 43 2.83 12.59 4.86
CA PRO A 43 2.44 11.42 5.63
C PRO A 43 3.39 11.11 6.75
N SER A 44 2.89 10.47 7.78
CA SER A 44 3.70 10.09 8.89
C SER A 44 4.60 8.93 8.53
N HIS A 45 4.12 8.10 7.60
CA HIS A 45 4.74 6.83 7.24
C HIS A 45 5.14 5.99 8.44
N GLY A 46 4.43 6.11 9.54
CA GLY A 46 4.75 5.25 10.65
C GLY A 46 5.74 5.80 11.65
N ARG A 47 6.41 6.92 11.34
CA ARG A 47 7.39 7.49 12.27
C ARG A 47 6.78 8.33 13.33
N PHE A 48 5.57 8.83 13.14
CA PHE A 48 4.98 9.72 14.15
C PHE A 48 3.70 9.11 14.70
N GLN A 49 3.28 9.51 15.89
CA GLN A 49 2.06 9.00 16.51
C GLN A 49 1.16 10.17 16.85
N GLY A 50 0.25 10.54 15.98
CA GLY A 50 -0.44 11.83 16.10
C GLY A 50 -1.77 11.73 16.83
N GLU A 51 -2.43 12.88 16.98
CA GLU A 51 -3.76 12.96 17.60
C GLU A 51 -4.81 12.58 16.57
N GLU A 52 -5.82 11.85 16.98
CA GLU A 52 -6.97 11.65 16.11
C GLU A 52 -7.65 12.95 15.84
N ILE A 53 -8.04 13.19 14.60
CA ILE A 53 -8.76 14.41 14.30
C ILE A 53 -10.10 14.13 13.62
N GLY A 54 -10.39 12.88 13.34
CA GLY A 54 -11.65 12.57 12.67
C GLY A 54 -11.50 11.49 11.64
N LYS A 55 -12.62 11.10 11.06
CA LYS A 55 -12.65 9.95 10.19
C LYS A 55 -12.67 10.37 8.75
N ILE A 56 -12.13 9.56 7.87
CA ILE A 56 -12.40 9.72 6.46
C ILE A 56 -12.95 8.41 5.93
N ARG A 57 -13.42 8.43 4.71
CA ARG A 57 -13.92 7.27 4.04
C ARG A 57 -13.12 7.02 2.79
N VAL A 58 -12.46 5.87 2.74
CA VAL A 58 -11.62 5.51 1.59
C VAL A 58 -11.86 4.08 1.15
N PHE A 59 -12.23 3.92 -0.11
CA PHE A 59 -12.47 2.62 -0.69
C PHE A 59 -13.47 1.77 0.06
N GLY A 60 -14.54 2.38 0.53
CA GLY A 60 -15.58 1.69 1.24
C GLY A 60 -15.32 1.44 2.70
N GLU A 61 -14.32 2.08 3.26
CA GLU A 61 -14.00 1.93 4.65
C GLU A 61 -13.68 3.21 5.33
N GLU A 62 -13.79 3.18 6.63
CA GLU A 62 -13.49 4.32 7.46
C GLU A 62 -12.06 4.30 7.98
N VAL A 63 -11.44 5.46 7.94
CA VAL A 63 -10.09 5.59 8.42
C VAL A 63 -10.05 6.72 9.39
N GLN A 64 -9.49 6.48 10.59
CA GLN A 64 -9.35 7.51 11.58
C GLN A 64 -8.02 8.21 11.29
N VAL A 65 -8.07 9.52 11.04
CA VAL A 65 -6.89 10.29 10.69
C VAL A 65 -6.18 10.81 11.93
N LYS A 66 -4.85 10.82 11.89
CA LYS A 66 -4.06 11.29 13.02
C LYS A 66 -3.14 12.35 12.52
N VAL A 67 -2.75 13.26 13.39
CA VAL A 67 -1.88 14.35 12.99
C VAL A 67 -0.92 14.71 14.08
N SER A 68 0.35 14.82 13.73
CA SER A 68 1.42 15.30 14.60
C SER A 68 1.85 16.64 14.08
N TYR A 69 2.06 17.59 14.98
CA TYR A 69 2.27 18.97 14.63
C TYR A 69 3.65 19.38 15.12
N GLU A 70 4.50 19.86 14.23
CA GLU A 70 5.74 20.45 14.65
C GLU A 70 5.76 21.88 14.16
N GLU A 71 6.14 22.81 15.02
CA GLU A 71 6.09 24.21 14.68
C GLU A 71 7.40 24.93 15.01
N ARG A 72 7.97 25.63 14.03
CA ARG A 72 9.14 26.42 14.26
C ARG A 72 8.97 27.77 13.59
N GLY A 73 8.47 28.78 14.30
CA GLY A 73 8.19 30.06 13.67
C GLY A 73 7.17 29.91 12.55
N ASN A 74 7.47 30.47 11.39
CA ASN A 74 6.62 30.37 10.20
C ASN A 74 6.61 29.03 9.53
N LEU A 75 7.39 28.08 10.04
CA LEU A 75 7.39 26.76 9.43
C LEU A 75 6.54 25.80 10.25
N ARG A 76 5.48 25.29 9.63
CA ARG A 76 4.54 24.40 10.31
C ARG A 76 4.39 23.09 9.58
N ILE A 77 4.74 22.01 10.29
CA ILE A 77 4.80 20.71 9.66
C ILE A 77 3.75 19.79 10.23
N TYR A 78 2.87 19.31 9.37
CA TYR A 78 1.86 18.37 9.81
C TYR A 78 2.11 17.02 9.19
N ARG A 79 2.24 16.02 10.03
CA ARG A 79 2.45 14.68 9.55
C ARG A 79 1.19 13.90 9.84
N ILE A 80 0.63 13.39 8.76
CA ILE A 80 -0.67 12.77 8.78
C ILE A 80 -0.54 11.27 8.72
N GLY A 81 -1.12 10.63 9.72
CA GLY A 81 -1.15 9.19 9.83
C GLY A 81 -2.58 8.71 9.72
N GLY A 82 -2.77 7.40 9.84
CA GLY A 82 -4.09 6.80 9.68
C GLY A 82 -4.10 5.82 8.52
N GLY A 83 -4.61 4.62 8.75
CA GLY A 83 -4.64 3.58 7.71
C GLY A 83 -3.28 3.42 7.02
N LEU A 84 -3.30 3.45 5.71
CA LEU A 84 -2.08 3.19 4.98
C LEU A 84 -1.04 4.24 5.24
N LEU A 85 -1.43 5.40 5.74
CA LEU A 85 -0.42 6.44 6.03
C LEU A 85 0.52 6.01 7.19
N ASP A 86 0.17 4.90 7.83
CA ASP A 86 1.00 4.35 8.88
C ASP A 86 2.05 3.36 8.37
N SER A 87 2.01 3.03 7.09
CA SER A 87 2.99 2.11 6.58
C SER A 87 4.33 2.79 6.48
N GLU A 88 5.38 2.11 6.94
CA GLU A 88 6.73 2.60 6.88
C GLU A 88 7.39 2.50 5.52
N ASP A 89 6.64 1.90 4.61
CA ASP A 89 7.03 1.68 3.24
C ASP A 89 6.59 2.93 2.46
N VAL A 90 7.41 3.96 2.48
CA VAL A 90 7.06 5.23 1.88
C VAL A 90 6.35 5.07 0.53
N TYR A 91 6.98 4.37 -0.39
CA TYR A 91 6.37 4.19 -1.70
C TYR A 91 5.81 2.83 -1.80
N GLY A 92 4.97 2.46 -0.83
CA GLY A 92 4.26 1.19 -0.81
C GLY A 92 3.07 1.28 0.13
N PRO A 93 2.69 0.15 0.72
CA PRO A 93 3.27 -1.15 0.52
C PRO A 93 2.70 -1.77 -0.75
N GLY A 94 3.57 -2.14 -1.68
CA GLY A 94 3.19 -2.57 -2.99
C GLY A 94 2.67 -1.40 -3.81
N TRP A 95 2.53 -1.63 -5.12
CA TRP A 95 1.98 -0.62 -6.02
C TRP A 95 0.55 -0.23 -5.65
N ASP A 96 -0.33 -1.23 -5.47
CA ASP A 96 -1.71 -0.90 -5.12
C ASP A 96 -1.80 -0.18 -3.78
N GLY A 97 -1.00 -0.59 -2.80
CA GLY A 97 -1.01 0.03 -1.49
C GLY A 97 -0.58 1.46 -1.59
N LEU A 98 0.48 1.70 -2.33
CA LEU A 98 0.95 3.03 -2.57
C LEU A 98 -0.14 3.96 -3.06
N ILE A 99 -0.88 3.54 -4.08
CA ILE A 99 -1.87 4.43 -4.67
C ILE A 99 -3.04 4.65 -3.75
N ARG A 100 -3.45 3.60 -3.06
CA ARG A 100 -4.47 3.76 -2.03
C ARG A 100 -4.00 4.72 -0.94
N LYS A 101 -2.72 4.65 -0.60
CA LYS A 101 -2.10 5.54 0.36
C LYS A 101 -2.18 6.97 -0.14
N ALA A 102 -1.96 7.16 -1.43
CA ALA A 102 -1.96 8.50 -2.01
C ALA A 102 -3.36 9.08 -2.02
N VAL A 103 -4.35 8.21 -2.23
CA VAL A 103 -5.73 8.63 -2.14
C VAL A 103 -6.06 8.94 -0.67
N THR A 104 -5.58 8.09 0.22
CA THR A 104 -5.83 8.30 1.62
C THR A 104 -5.28 9.68 1.99
N PHE A 105 -4.06 9.97 1.57
CA PHE A 105 -3.43 11.25 1.86
C PHE A 105 -4.24 12.44 1.33
N GLY A 106 -4.86 12.28 0.17
CA GLY A 106 -5.76 13.28 -0.40
C GLY A 106 -6.97 13.60 0.45
N ARG A 107 -7.75 12.58 0.83
CA ARG A 107 -8.88 12.85 1.73
C ARG A 107 -8.41 13.37 3.10
N ALA A 108 -7.33 12.80 3.63
CA ALA A 108 -6.86 13.20 4.96
C ALA A 108 -6.46 14.68 4.96
N SER A 109 -5.87 15.14 3.86
CA SER A 109 -5.42 16.53 3.75
C SER A 109 -6.57 17.53 3.78
N VAL A 110 -7.62 17.21 3.03
CA VAL A 110 -8.86 17.98 3.06
C VAL A 110 -9.46 18.07 4.46
N LEU A 111 -9.51 16.95 5.15
CA LEU A 111 -10.00 16.94 6.52
C LEU A 111 -9.19 17.92 7.35
N LEU A 112 -7.86 17.81 7.26
CA LEU A 112 -6.99 18.60 8.10
C LEU A 112 -7.18 20.07 7.76
N LEU A 113 -7.18 20.42 6.47
CA LEU A 113 -7.28 21.82 6.09
C LEU A 113 -8.64 22.43 6.52
N ASN A 114 -9.73 21.66 6.41
CA ASN A 114 -11.00 22.11 6.99
C ASN A 114 -10.87 22.36 8.47
N ASP A 115 -10.32 21.38 9.17
CA ASP A 115 -10.10 21.53 10.60
C ASP A 115 -9.33 22.84 10.91
N LEU A 116 -8.22 23.08 10.22
CA LEU A 116 -7.42 24.28 10.45
C LEU A 116 -8.15 25.58 10.12
N LEU A 117 -8.89 25.59 9.02
CA LEU A 117 -9.53 26.79 8.53
C LEU A 117 -10.56 27.27 9.52
N ARG A 118 -10.90 26.45 10.48
CA ARG A 118 -11.78 26.93 11.54
C ARG A 118 -11.09 28.04 12.31
N GLU A 119 -9.83 28.29 12.06
CA GLU A 119 -9.15 29.25 12.91
C GLU A 119 -8.10 30.07 12.22
N GLU A 120 -8.03 30.01 10.90
CA GLU A 120 -7.08 30.83 10.21
C GLU A 120 -7.48 30.95 8.77
N PRO A 121 -7.02 32.02 8.11
CA PRO A 121 -7.39 32.13 6.70
C PRO A 121 -6.80 31.01 5.83
N LEU A 122 -7.40 30.89 4.67
CA LEU A 122 -6.96 30.04 3.61
C LEU A 122 -5.52 30.42 3.27
N PRO A 123 -4.74 29.46 2.81
CA PRO A 123 -3.42 29.72 2.26
C PRO A 123 -3.55 30.43 0.90
N ASP A 124 -2.52 31.14 0.48
CA ASP A 124 -2.55 31.87 -0.80
C ASP A 124 -2.29 30.93 -1.98
N VAL A 125 -1.67 29.80 -1.69
CA VAL A 125 -1.29 28.85 -2.74
C VAL A 125 -1.13 27.47 -2.15
N VAL A 126 -1.41 26.44 -2.96
CA VAL A 126 -1.01 25.09 -2.61
C VAL A 126 0.02 24.63 -3.62
N HIS A 127 1.10 24.07 -3.11
CA HIS A 127 2.25 23.72 -3.92
C HIS A 127 2.47 22.24 -3.68
N PHE A 128 2.18 21.44 -4.68
CA PHE A 128 2.33 20.02 -4.49
C PHE A 128 3.38 19.44 -5.40
N HIS A 129 3.96 18.34 -4.97
CA HIS A 129 5.18 17.82 -5.57
C HIS A 129 5.06 16.40 -5.99
N ASP A 130 5.30 16.14 -7.25
CA ASP A 130 5.33 14.79 -7.78
C ASP A 130 3.93 14.19 -7.81
N TRP A 131 3.78 13.04 -8.46
CA TRP A 131 2.46 12.55 -8.75
C TRP A 131 1.78 12.03 -7.52
N HIS A 132 2.56 11.61 -6.51
CA HIS A 132 1.96 11.03 -5.31
C HIS A 132 1.03 11.98 -4.59
N THR A 133 1.19 13.29 -4.78
CA THR A 133 0.41 14.26 -4.05
C THR A 133 -0.65 14.90 -4.92
N VAL A 134 -0.84 14.38 -6.13
CA VAL A 134 -1.89 14.89 -7.03
C VAL A 134 -3.33 14.68 -6.51
N PHE A 135 -3.60 13.61 -5.79
CA PHE A 135 -4.97 13.49 -5.29
C PHE A 135 -5.24 14.63 -4.30
N ALA A 136 -4.24 14.89 -3.46
CA ALA A 136 -4.34 15.93 -2.46
C ALA A 136 -4.38 17.31 -3.09
N GLY A 137 -3.51 17.59 -4.03
CA GLY A 137 -3.52 18.87 -4.73
C GLY A 137 -4.83 19.11 -5.45
N ALA A 138 -5.27 18.13 -6.21
CA ALA A 138 -6.51 18.30 -6.95
C ALA A 138 -7.74 18.47 -6.02
N LEU A 139 -7.74 17.80 -4.87
CA LEU A 139 -8.88 17.95 -3.95
C LEU A 139 -8.88 19.30 -3.30
N ILE A 140 -7.71 19.81 -2.98
CA ILE A 140 -7.61 21.11 -2.32
C ILE A 140 -8.00 22.27 -3.25
N LYS A 141 -7.43 22.29 -4.45
CA LYS A 141 -7.89 23.20 -5.48
C LYS A 141 -9.43 23.13 -5.62
N LYS A 142 -9.95 21.93 -5.86
CA LYS A 142 -11.35 21.74 -6.07
C LYS A 142 -12.24 22.24 -4.94
N TYR A 143 -11.89 21.93 -3.72
CA TYR A 143 -12.77 22.28 -2.62
C TYR A 143 -12.56 23.66 -2.08
N PHE A 144 -11.32 24.14 -2.07
CA PHE A 144 -11.03 25.37 -1.37
C PHE A 144 -10.66 26.44 -2.32
N LYS A 145 -10.53 26.05 -3.58
CA LYS A 145 -10.39 27.01 -4.64
C LYS A 145 -9.20 27.91 -4.44
N ILE A 146 -8.04 27.35 -4.18
CA ILE A 146 -6.86 28.20 -4.11
C ILE A 146 -5.88 27.85 -5.22
N PRO A 147 -5.08 28.82 -5.65
CA PRO A 147 -4.15 28.64 -6.73
C PRO A 147 -3.23 27.48 -6.44
N ALA A 148 -2.95 26.65 -7.45
CA ALA A 148 -2.13 25.48 -7.26
C ALA A 148 -0.91 25.56 -8.16
N VAL A 149 0.21 25.09 -7.65
CA VAL A 149 1.45 25.01 -8.39
C VAL A 149 1.95 23.60 -8.26
N PHE A 150 2.26 22.98 -9.39
CA PHE A 150 2.62 21.58 -9.42
C PHE A 150 4.06 21.47 -9.87
N THR A 151 4.89 20.88 -9.02
CA THR A 151 6.30 20.71 -9.35
C THR A 151 6.64 19.26 -9.55
N ILE A 152 7.26 18.96 -10.67
CA ILE A 152 7.72 17.61 -10.98
C ILE A 152 9.22 17.48 -10.77
N HIS A 153 9.63 16.56 -9.90
CA HIS A 153 11.03 16.35 -9.63
C HIS A 153 11.59 15.23 -10.48
N ARG A 154 10.72 14.27 -10.85
CA ARG A 154 11.06 13.17 -11.70
C ARG A 154 9.77 12.57 -12.29
N LEU A 155 9.69 12.55 -13.61
CA LEU A 155 8.55 12.01 -14.31
C LEU A 155 8.56 10.49 -14.20
N ASN A 156 7.51 9.91 -13.61
CA ASN A 156 7.39 8.47 -13.50
C ASN A 156 6.81 7.86 -14.75
N LYS A 157 6.09 8.65 -15.53
CA LYS A 157 5.50 8.21 -16.81
C LYS A 157 4.72 6.93 -16.71
N SER A 158 3.66 6.95 -15.96
CA SER A 158 2.92 5.74 -15.72
C SER A 158 1.49 6.12 -15.50
N LYS A 159 0.56 5.21 -15.78
CA LYS A 159 -0.86 5.52 -15.64
C LYS A 159 -1.52 4.79 -14.52
N LEU A 160 -2.60 5.38 -14.01
CA LEU A 160 -3.46 4.75 -13.01
C LEU A 160 -4.85 4.51 -13.60
N PRO A 161 -5.46 3.39 -13.19
CA PRO A 161 -6.87 3.11 -13.46
C PRO A 161 -7.74 4.28 -12.92
N ALA A 162 -8.81 4.62 -13.62
CA ALA A 162 -9.77 5.65 -13.17
C ALA A 162 -10.31 5.39 -11.76
N PHE A 163 -10.34 4.11 -11.40
CA PHE A 163 -10.84 3.68 -10.11
C PHE A 163 -10.33 4.59 -8.99
N TYR A 164 -9.07 4.97 -9.08
CA TYR A 164 -8.44 5.67 -7.99
C TYR A 164 -8.90 7.11 -7.86
N PHE A 165 -9.21 7.71 -8.99
CA PHE A 165 -9.67 9.09 -9.04
C PHE A 165 -11.10 9.20 -8.59
N HIS A 166 -11.86 8.15 -8.89
CA HIS A 166 -13.25 8.06 -8.50
C HIS A 166 -13.30 7.92 -6.99
N GLU A 167 -12.43 7.06 -6.45
CA GLU A 167 -12.48 6.73 -5.03
C GLU A 167 -12.01 7.92 -4.24
N ALA A 168 -11.16 8.72 -4.87
CA ALA A 168 -10.60 9.93 -4.29
C ALA A 168 -11.62 11.04 -4.29
N GLY A 169 -12.71 10.86 -5.02
CA GLY A 169 -13.67 11.94 -5.25
C GLY A 169 -13.29 12.90 -6.41
N LEU A 170 -12.68 12.38 -7.47
CA LEU A 170 -12.18 13.24 -8.54
C LEU A 170 -12.68 12.76 -9.89
N SER A 171 -13.87 12.23 -9.91
CA SER A 171 -14.40 11.61 -11.12
C SER A 171 -14.22 12.44 -12.35
N GLU A 172 -14.50 13.72 -12.25
CA GLU A 172 -14.37 14.64 -13.35
C GLU A 172 -12.96 14.61 -13.94
N LEU A 173 -11.95 14.17 -13.18
CA LEU A 173 -10.59 14.12 -13.72
C LEU A 173 -10.30 12.76 -14.34
N ALA A 174 -11.32 11.94 -14.46
CA ALA A 174 -11.10 10.59 -14.93
C ALA A 174 -12.01 10.28 -16.10
N PRO A 175 -11.85 11.00 -17.21
CA PRO A 175 -12.74 10.65 -18.31
C PRO A 175 -12.26 9.47 -19.16
N TYR A 176 -11.25 8.72 -18.73
CA TYR A 176 -10.81 7.54 -19.46
C TYR A 176 -10.50 6.42 -18.51
N PRO A 177 -10.47 5.19 -19.03
CA PRO A 177 -10.23 4.06 -18.16
C PRO A 177 -8.89 4.15 -17.43
N ASP A 178 -7.95 4.91 -17.98
CA ASP A 178 -6.60 5.02 -17.41
C ASP A 178 -6.08 6.41 -17.62
N ILE A 179 -5.37 6.91 -16.62
CA ILE A 179 -5.11 8.32 -16.47
C ILE A 179 -3.73 8.50 -15.97
N ASP A 180 -2.97 9.35 -16.64
CA ASP A 180 -1.63 9.70 -16.20
C ASP A 180 -1.75 10.74 -15.10
N PRO A 181 -1.32 10.40 -13.88
CA PRO A 181 -1.50 11.32 -12.77
C PRO A 181 -0.64 12.56 -12.88
N GLU A 182 0.52 12.45 -13.51
CA GLU A 182 1.36 13.63 -13.74
C GLU A 182 0.66 14.60 -14.65
N HIS A 183 -0.02 14.05 -15.65
CA HIS A 183 -0.75 14.87 -16.60
C HIS A 183 -1.95 15.55 -15.93
N THR A 184 -2.59 14.83 -15.02
CA THR A 184 -3.67 15.38 -14.26
C THR A 184 -3.17 16.56 -13.40
N GLY A 185 -1.99 16.39 -12.78
CA GLY A 185 -1.48 17.40 -11.88
C GLY A 185 -1.17 18.69 -12.64
N GLY A 186 -0.59 18.55 -13.82
CA GLY A 186 -0.27 19.68 -14.65
C GLY A 186 -1.56 20.28 -15.12
N TYR A 187 -2.51 19.43 -15.35
CA TYR A 187 -3.75 19.88 -15.90
C TYR A 187 -4.56 20.78 -14.97
N ILE A 188 -4.69 20.41 -13.70
CA ILE A 188 -5.44 21.25 -12.76
C ILE A 188 -4.58 22.40 -12.15
N ALA A 189 -3.27 22.34 -12.32
CA ALA A 189 -2.41 23.39 -11.75
C ALA A 189 -2.54 24.72 -12.50
N ASP A 190 -2.41 25.83 -11.81
CA ASP A 190 -2.29 27.13 -12.45
C ASP A 190 -0.89 27.31 -13.04
N ILE A 191 0.13 26.79 -12.35
CA ILE A 191 1.50 26.82 -12.84
C ILE A 191 2.14 25.48 -12.68
N VAL A 192 2.96 25.07 -13.64
CA VAL A 192 3.69 23.83 -13.52
C VAL A 192 5.17 24.15 -13.57
N THR A 193 5.97 23.42 -12.81
CA THR A 193 7.43 23.59 -12.85
C THR A 193 8.15 22.26 -12.80
N THR A 194 9.38 22.25 -13.26
CA THR A 194 10.26 21.14 -13.02
C THR A 194 11.63 21.73 -12.64
N VAL A 195 12.55 20.88 -12.19
CA VAL A 195 13.70 21.33 -11.44
C VAL A 195 14.90 21.71 -12.28
N SER A 196 14.73 21.78 -13.56
CA SER A 196 15.82 22.23 -14.37
C SER A 196 15.35 22.56 -15.75
N ARG A 197 16.07 23.45 -16.42
CA ARG A 197 15.69 23.92 -17.74
C ARG A 197 16.01 22.90 -18.82
N GLY A 198 16.93 21.99 -18.54
CA GLY A 198 17.30 21.03 -19.50
C GLY A 198 16.49 19.80 -19.40
N TYR A 199 15.94 19.54 -18.23
CA TYR A 199 15.00 18.43 -18.07
C TYR A 199 13.64 18.84 -18.65
N LEU A 200 13.24 20.09 -18.44
CA LEU A 200 12.03 20.58 -19.08
C LEU A 200 12.09 20.39 -20.60
N ILE A 201 13.26 20.61 -21.18
CA ILE A 201 13.43 20.45 -22.60
C ILE A 201 13.59 18.97 -22.95
N ASP A 202 14.33 18.22 -22.18
CA ASP A 202 14.44 16.80 -22.44
C ASP A 202 13.08 16.12 -22.47
N GLU A 203 12.10 16.66 -21.76
CA GLU A 203 10.82 16.05 -21.64
C GLU A 203 9.73 16.95 -22.17
N TRP A 204 10.04 17.74 -23.15
CA TRP A 204 9.09 18.65 -23.68
C TRP A 204 7.89 17.90 -24.31
N GLY A 205 8.12 16.67 -24.77
CA GLY A 205 7.03 15.84 -25.24
C GLY A 205 5.93 15.75 -24.22
N PHE A 206 6.30 15.69 -22.95
CA PHE A 206 5.29 15.77 -21.91
C PHE A 206 4.96 17.22 -21.60
N PHE A 207 5.98 18.00 -21.31
CA PHE A 207 5.75 19.29 -20.67
C PHE A 207 5.08 20.30 -21.58
N ARG A 208 5.18 20.10 -22.90
CA ARG A 208 4.57 21.06 -23.84
C ARG A 208 3.05 21.11 -23.74
N ASN A 209 2.45 20.11 -23.11
CA ASN A 209 1.02 20.12 -22.89
C ASN A 209 0.63 21.33 -22.06
N PHE A 210 1.59 21.87 -21.31
CA PHE A 210 1.32 22.95 -20.38
C PHE A 210 1.96 24.28 -20.81
N GLU A 211 2.26 24.40 -22.10
CA GLU A 211 2.73 25.67 -22.66
C GLU A 211 1.86 26.76 -22.14
N GLY A 212 2.46 27.87 -21.77
CA GLY A 212 1.67 28.99 -21.34
C GLY A 212 1.61 29.07 -19.85
N LYS A 213 1.78 27.96 -19.14
CA LYS A 213 1.82 28.00 -17.69
C LYS A 213 2.96 27.17 -17.13
N ILE A 214 3.99 26.95 -17.92
CA ILE A 214 5.05 26.05 -17.48
C ILE A 214 6.38 26.81 -17.38
N THR A 215 7.13 26.53 -16.34
CA THR A 215 8.47 27.06 -16.19
C THR A 215 9.38 26.09 -15.42
N TYR A 216 10.66 26.45 -15.30
CA TYR A 216 11.58 25.67 -14.49
C TYR A 216 12.05 26.53 -13.34
N VAL A 217 12.35 25.87 -12.21
CA VAL A 217 12.90 26.50 -11.04
C VAL A 217 13.95 25.53 -10.53
N PHE A 218 15.21 25.93 -10.57
CA PHE A 218 16.29 25.04 -10.20
C PHE A 218 16.18 24.66 -8.74
N ASN A 219 16.73 23.51 -8.37
CA ASN A 219 16.94 23.26 -6.97
C ASN A 219 18.20 23.91 -6.48
N GLY A 220 18.54 23.64 -5.24
CA GLY A 220 19.71 24.27 -4.65
C GLY A 220 20.63 23.22 -4.12
N ILE A 221 21.72 23.68 -3.53
CA ILE A 221 22.59 22.75 -2.83
C ILE A 221 22.96 23.41 -1.53
N ASP A 222 23.18 22.63 -0.50
CA ASP A 222 23.64 23.18 0.76
C ASP A 222 25.16 23.32 0.74
N CYS A 223 25.68 24.49 0.36
CA CYS A 223 27.16 24.66 0.39
C CYS A 223 27.70 24.95 1.77
N SER A 224 26.86 25.10 2.77
CA SER A 224 27.41 25.22 4.09
C SER A 224 27.84 23.82 4.55
N PHE A 225 27.23 22.79 3.98
CA PHE A 225 27.70 21.45 4.25
C PHE A 225 28.80 21.07 3.28
N TRP A 226 28.54 21.28 1.98
CA TRP A 226 29.47 20.88 0.93
C TRP A 226 30.48 21.97 0.62
N ASN A 227 31.53 22.03 1.43
CA ASN A 227 32.64 22.88 1.09
C ASN A 227 33.87 22.31 1.70
N GLU A 228 35.00 22.92 1.41
CA GLU A 228 36.29 22.40 1.81
C GLU A 228 36.74 22.80 3.19
N SER A 229 36.04 23.72 3.84
CA SER A 229 36.41 24.21 5.16
C SER A 229 36.44 23.07 6.15
N TYR A 230 35.83 21.94 5.78
CA TYR A 230 35.81 20.76 6.64
C TYR A 230 37.01 19.87 6.47
N LEU A 231 37.87 20.14 5.50
CA LEU A 231 38.97 19.21 5.20
C LEU A 231 40.29 19.86 5.53
N THR A 232 41.31 19.07 5.81
CA THR A 232 42.63 19.63 6.12
C THR A 232 43.74 19.27 5.14
N GLY A 233 44.86 19.97 5.28
CA GLY A 233 45.96 19.79 4.37
C GLY A 233 45.55 20.35 3.05
N SER A 234 46.40 20.15 2.04
CA SER A 234 46.11 20.57 0.68
C SER A 234 45.45 19.41 -0.09
N ARG A 235 44.99 19.69 -1.29
CA ARG A 235 44.35 18.66 -2.07
C ARG A 235 45.33 17.54 -2.47
N ASP A 236 46.57 17.88 -2.78
CA ASP A 236 47.55 16.86 -3.12
C ASP A 236 47.75 15.87 -1.99
N GLU A 237 47.91 16.37 -0.79
CA GLU A 237 48.13 15.51 0.35
C GLU A 237 46.95 14.57 0.48
N ARG A 238 45.75 15.12 0.46
CA ARG A 238 44.59 14.30 0.64
C ARG A 238 44.55 13.21 -0.41
N LYS A 239 44.76 13.57 -1.67
CA LYS A 239 44.70 12.57 -2.74
C LYS A 239 45.79 11.54 -2.55
N LYS A 240 46.98 12.03 -2.26
CA LYS A 240 48.12 11.16 -2.07
C LYS A 240 47.73 10.14 -1.04
N SER A 241 47.01 10.61 -0.04
CA SER A 241 46.73 9.78 1.11
C SER A 241 45.64 8.76 0.82
N LEU A 242 44.54 9.24 0.23
CA LEU A 242 43.43 8.38 -0.13
C LEU A 242 43.89 7.24 -1.04
N LEU A 243 44.53 7.60 -2.15
CA LEU A 243 44.99 6.63 -3.12
C LEU A 243 45.79 5.57 -2.41
N SER A 244 46.72 6.03 -1.60
CA SER A 244 47.57 5.14 -0.84
C SER A 244 46.74 4.24 0.07
N LYS A 245 45.81 4.84 0.79
CA LYS A 245 44.89 4.04 1.59
C LYS A 245 44.15 3.01 0.74
N PHE A 246 44.37 3.02 -0.58
CA PHE A 246 43.68 2.09 -1.48
C PHE A 246 44.67 1.21 -2.21
N GLY A 247 45.94 1.28 -1.82
CA GLY A 247 46.95 0.41 -2.39
C GLY A 247 47.64 1.03 -3.58
N MET A 248 47.23 2.25 -3.96
CA MET A 248 47.79 2.87 -5.16
C MET A 248 48.61 4.10 -4.84
N ASP A 249 49.66 4.31 -5.64
CA ASP A 249 50.42 5.56 -5.61
C ASP A 249 49.71 6.59 -6.48
N GLU A 250 50.27 7.81 -6.54
CA GLU A 250 49.58 8.96 -7.10
C GLU A 250 49.27 8.78 -8.58
N GLY A 251 48.32 9.56 -9.08
CA GLY A 251 47.92 9.54 -10.45
C GLY A 251 46.61 10.30 -10.54
N VAL A 252 46.24 10.74 -11.73
CA VAL A 252 45.04 11.56 -11.84
C VAL A 252 43.81 10.68 -11.61
N THR A 253 42.93 11.16 -10.74
CA THR A 253 41.96 10.30 -10.12
C THR A 253 40.53 10.64 -10.52
N PHE A 254 39.81 9.61 -10.94
CA PHE A 254 38.43 9.77 -11.38
C PHE A 254 37.55 8.98 -10.45
N MET A 255 36.40 9.57 -10.11
CA MET A 255 35.47 8.92 -9.19
C MET A 255 34.03 8.86 -9.73
N PHE A 256 33.39 7.71 -9.52
CA PHE A 256 31.97 7.52 -9.81
C PHE A 256 31.26 7.06 -8.54
N ILE A 257 30.12 7.70 -8.26
CA ILE A 257 29.33 7.40 -7.07
C ILE A 257 27.89 7.19 -7.47
N GLY A 258 27.41 5.97 -7.45
CA GLY A 258 26.07 5.72 -7.94
C GLY A 258 25.61 4.30 -7.74
N ARG A 259 24.29 4.15 -7.74
CA ARG A 259 23.69 2.85 -7.75
C ARG A 259 24.12 2.14 -9.04
N PHE A 260 24.10 0.81 -9.04
CA PHE A 260 24.52 0.01 -10.19
C PHE A 260 23.31 -0.54 -10.93
N ASP A 261 23.00 0.02 -12.10
CA ASP A 261 21.78 -0.34 -12.81
C ASP A 261 21.86 -0.05 -14.31
N ARG A 262 20.85 -0.51 -15.02
CA ARG A 262 20.80 -0.39 -16.46
C ARG A 262 20.09 0.88 -16.86
N GLY A 263 20.68 1.63 -17.78
CA GLY A 263 19.97 2.74 -18.41
C GLY A 263 19.58 3.87 -17.49
N GLN A 264 20.36 4.09 -16.44
CA GLN A 264 20.06 5.19 -15.55
C GLN A 264 21.30 5.97 -15.16
N LYS A 265 22.00 5.44 -14.16
CA LYS A 265 23.17 6.10 -13.61
C LYS A 265 24.39 5.87 -14.50
N GLY A 266 24.37 4.78 -15.26
CA GLY A 266 25.36 4.52 -16.32
C GLY A 266 26.73 4.01 -15.91
N VAL A 267 26.79 3.23 -14.83
CA VAL A 267 28.05 2.60 -14.46
C VAL A 267 28.52 1.69 -15.59
N ASP A 268 27.58 1.02 -16.26
CA ASP A 268 27.89 0.15 -17.41
C ASP A 268 28.67 0.88 -18.51
N VAL A 269 28.30 2.14 -18.74
CA VAL A 269 28.99 2.95 -19.72
C VAL A 269 30.41 3.17 -19.28
N LEU A 270 30.57 3.47 -18.00
CA LEU A 270 31.89 3.73 -17.43
C LEU A 270 32.78 2.49 -17.37
N LEU A 271 32.20 1.34 -17.03
CA LEU A 271 32.96 0.11 -16.94
C LEU A 271 33.50 -0.26 -18.31
N LYS A 272 32.72 0.02 -19.33
CA LYS A 272 33.15 -0.18 -20.71
C LYS A 272 34.20 0.85 -21.11
N ALA A 273 33.99 2.11 -20.75
CA ALA A 273 34.93 3.17 -21.08
C ALA A 273 36.29 2.81 -20.53
N ILE A 274 36.28 2.12 -19.40
CA ILE A 274 37.50 1.77 -18.73
C ILE A 274 38.19 0.68 -19.51
N GLU A 275 37.44 -0.32 -19.93
CA GLU A 275 38.01 -1.37 -20.76
C GLU A 275 38.64 -0.73 -21.99
N ILE A 276 37.89 0.16 -22.64
CA ILE A 276 38.38 0.80 -23.86
C ILE A 276 39.73 1.46 -23.62
N LEU A 277 39.90 1.99 -22.41
CA LEU A 277 41.13 2.69 -22.04
C LEU A 277 42.22 1.74 -21.56
N SER A 278 41.82 0.58 -21.07
CA SER A 278 42.78 -0.35 -20.47
C SER A 278 43.78 -0.91 -21.47
N SER A 279 43.94 -0.25 -22.61
CA SER A 279 44.94 -0.72 -23.58
C SER A 279 45.79 0.45 -24.05
N LYS A 280 45.40 1.66 -23.72
CA LYS A 280 46.20 2.82 -24.08
C LYS A 280 47.37 2.92 -23.11
N LYS A 281 48.42 3.64 -23.52
CA LYS A 281 49.59 3.87 -22.69
C LYS A 281 49.28 4.76 -21.48
N GLU A 282 48.31 5.67 -21.60
CA GLU A 282 48.04 6.64 -20.54
C GLU A 282 47.12 6.10 -19.45
N PHE A 283 46.51 4.96 -19.71
CA PHE A 283 45.68 4.28 -18.73
C PHE A 283 46.45 4.05 -17.45
N GLN A 284 47.73 4.33 -17.49
CA GLN A 284 48.56 3.99 -16.38
C GLN A 284 48.72 5.15 -15.45
N GLU A 285 48.46 6.35 -15.96
CA GLU A 285 48.45 7.55 -15.12
C GLU A 285 47.01 7.93 -14.78
N MET A 286 46.19 6.92 -14.51
CA MET A 286 44.78 7.13 -14.21
C MET A 286 44.35 6.22 -13.06
N ARG A 287 43.56 6.71 -12.12
CA ARG A 287 43.02 5.88 -11.07
C ARG A 287 41.53 6.04 -10.99
N PHE A 288 40.83 4.93 -10.79
CA PHE A 288 39.38 4.92 -10.76
C PHE A 288 38.85 4.43 -9.44
N ILE A 289 37.92 5.17 -8.86
CA ILE A 289 37.17 4.73 -7.70
C ILE A 289 35.68 4.61 -8.04
N ILE A 290 35.15 3.40 -7.97
CA ILE A 290 33.77 3.16 -8.36
C ILE A 290 32.93 2.83 -7.12
N ILE A 291 31.95 3.64 -6.82
CA ILE A 291 31.19 3.45 -5.59
C ILE A 291 29.70 3.25 -5.79
N GLY A 292 29.20 2.13 -5.29
CA GLY A 292 27.76 1.88 -5.34
C GLY A 292 27.42 0.41 -5.23
N LYS A 293 26.17 0.09 -5.49
CA LYS A 293 25.74 -1.30 -5.51
C LYS A 293 24.38 -1.42 -6.18
N GLY A 294 24.02 -2.63 -6.58
CA GLY A 294 22.73 -2.84 -7.22
C GLY A 294 22.74 -4.12 -7.99
N ASP A 295 22.93 -4.01 -9.29
CA ASP A 295 22.89 -5.18 -10.15
C ASP A 295 24.11 -6.08 -9.96
N PRO A 296 23.87 -7.32 -9.59
CA PRO A 296 24.93 -8.31 -9.35
C PRO A 296 25.86 -8.43 -10.55
N GLU A 297 25.26 -8.52 -11.73
CA GLU A 297 25.99 -8.59 -12.98
C GLU A 297 26.97 -7.42 -13.07
N LEU A 298 26.47 -6.23 -12.79
CA LEU A 298 27.27 -5.00 -12.86
C LEU A 298 28.30 -4.96 -11.74
N GLU A 299 27.95 -5.54 -10.60
CA GLU A 299 28.86 -5.62 -9.48
C GLU A 299 30.06 -6.49 -9.84
N GLY A 300 29.78 -7.69 -10.33
CA GLY A 300 30.82 -8.63 -10.70
C GLY A 300 31.75 -8.04 -11.73
N TRP A 301 31.14 -7.41 -12.73
CA TRP A 301 31.90 -6.82 -13.83
C TRP A 301 32.92 -5.85 -13.25
N ALA A 302 32.49 -5.14 -12.21
CA ALA A 302 33.34 -4.15 -11.57
C ALA A 302 34.41 -4.81 -10.70
N ARG A 303 33.98 -5.80 -9.90
CA ARG A 303 34.92 -6.55 -9.09
C ARG A 303 36.00 -7.22 -9.94
N SER A 304 35.63 -7.56 -11.17
CA SER A 304 36.53 -8.26 -12.05
C SER A 304 37.59 -7.32 -12.58
N LEU A 305 37.15 -6.17 -13.07
CA LEU A 305 38.07 -5.11 -13.49
C LEU A 305 39.02 -4.74 -12.34
N GLU A 306 38.49 -4.64 -11.14
CA GLU A 306 39.30 -4.39 -9.95
C GLU A 306 40.42 -5.40 -9.88
N GLU A 307 40.07 -6.66 -10.13
CA GLU A 307 41.04 -7.75 -10.08
C GLU A 307 42.02 -7.68 -11.24
N LYS A 308 41.50 -7.49 -12.44
CA LYS A 308 42.33 -7.30 -13.61
C LYS A 308 43.33 -6.16 -13.46
N HIS A 309 42.96 -5.13 -12.70
CA HIS A 309 43.79 -3.92 -12.63
C HIS A 309 44.00 -3.35 -11.23
N GLY A 310 45.22 -2.89 -11.00
CA GLY A 310 45.65 -2.36 -9.71
C GLY A 310 45.58 -0.86 -9.82
N ASN A 311 44.46 -0.46 -10.34
CA ASN A 311 44.29 0.86 -10.83
C ASN A 311 42.84 1.18 -10.58
N VAL A 312 42.08 0.18 -10.18
CA VAL A 312 40.66 0.37 -10.03
C VAL A 312 40.20 -0.02 -8.64
N LYS A 313 39.53 0.87 -7.93
CA LYS A 313 39.02 0.48 -6.65
C LYS A 313 37.52 0.53 -6.68
N VAL A 314 36.89 -0.36 -5.93
CA VAL A 314 35.44 -0.48 -5.98
C VAL A 314 34.87 -0.62 -4.59
N ILE A 315 33.90 0.23 -4.29
CA ILE A 315 33.31 0.27 -2.96
C ILE A 315 31.80 0.09 -3.04
N THR A 316 31.36 -1.05 -2.52
CA THR A 316 29.96 -1.39 -2.53
C THR A 316 29.33 -1.17 -1.17
N GLU A 317 30.13 -0.86 -0.16
CA GLU A 317 29.59 -0.59 1.14
C GLU A 317 28.96 0.79 1.12
N MET A 318 28.24 1.12 2.18
CA MET A 318 27.60 2.42 2.28
C MET A 318 28.49 3.50 2.82
N LEU A 319 28.62 4.60 2.07
CA LEU A 319 29.49 5.70 2.48
C LEU A 319 28.69 6.85 3.09
N SER A 320 29.17 7.37 4.21
CA SER A 320 28.53 8.49 4.85
C SER A 320 28.79 9.74 4.07
N ARG A 321 27.94 10.72 4.18
CA ARG A 321 28.12 11.89 3.36
C ARG A 321 29.30 12.72 3.82
N GLU A 322 29.67 12.57 5.08
CA GLU A 322 30.90 13.19 5.55
C GLU A 322 32.06 12.64 4.74
N PHE A 323 32.07 11.33 4.53
CA PHE A 323 33.20 10.69 3.87
C PHE A 323 33.19 10.99 2.38
N VAL A 324 31.99 11.01 1.81
CA VAL A 324 31.86 11.31 0.39
C VAL A 324 32.39 12.71 0.16
N ARG A 325 32.07 13.59 1.10
CA ARG A 325 32.56 14.95 1.01
C ARG A 325 34.09 14.94 1.00
N GLU A 326 34.71 14.10 1.81
CA GLU A 326 36.19 13.91 1.76
C GLU A 326 36.66 13.46 0.38
N LEU A 327 36.04 12.41 -0.15
CA LEU A 327 36.35 11.97 -1.51
C LEU A 327 36.26 13.11 -2.54
N TYR A 328 35.14 13.80 -2.60
CA TYR A 328 35.02 14.90 -3.56
C TYR A 328 36.13 15.92 -3.34
N GLY A 329 36.53 16.07 -2.10
CA GLY A 329 37.50 17.09 -1.77
C GLY A 329 38.91 16.63 -2.08
N SER A 330 39.09 15.46 -2.65
CA SER A 330 40.44 15.01 -2.86
C SER A 330 40.72 14.40 -4.26
N VAL A 331 39.70 13.83 -4.89
CA VAL A 331 39.86 13.34 -6.27
C VAL A 331 40.01 14.48 -7.29
N ASP A 332 40.29 14.14 -8.53
CA ASP A 332 40.52 15.14 -9.56
C ASP A 332 39.23 15.38 -10.32
N PHE A 333 38.58 14.28 -10.69
CA PHE A 333 37.37 14.33 -11.48
C PHE A 333 36.35 13.42 -10.91
N VAL A 334 35.10 13.83 -11.04
CA VAL A 334 33.98 12.96 -10.76
C VAL A 334 33.28 12.69 -12.08
N ILE A 335 32.84 11.46 -12.28
CA ILE A 335 32.25 11.08 -13.54
C ILE A 335 30.78 10.79 -13.37
N ILE A 336 29.96 11.43 -14.19
CA ILE A 336 28.52 11.36 -14.01
C ILE A 336 27.84 11.00 -15.31
N PRO A 337 27.88 9.70 -15.66
CA PRO A 337 27.42 9.22 -16.95
C PRO A 337 25.97 8.81 -16.89
N SER A 338 25.11 9.73 -16.49
CA SER A 338 23.69 9.41 -16.37
C SER A 338 23.06 9.36 -17.75
N TYR A 339 21.95 8.64 -17.85
CA TYR A 339 21.15 8.63 -19.04
C TYR A 339 20.11 9.74 -19.03
N PHE A 340 19.82 10.28 -17.85
CA PHE A 340 18.89 11.38 -17.74
C PHE A 340 19.07 11.94 -16.33
N GLU A 341 18.73 13.21 -16.11
CA GLU A 341 19.02 13.82 -14.81
C GLU A 341 18.17 15.05 -14.55
N PRO A 342 17.22 14.90 -13.65
CA PRO A 342 16.24 15.98 -13.58
C PRO A 342 16.92 17.27 -13.16
N PHE A 343 17.85 17.14 -12.21
CA PHE A 343 18.58 18.31 -11.74
C PHE A 343 20.09 18.12 -11.88
N GLY A 344 20.72 17.29 -11.03
CA GLY A 344 22.20 17.11 -11.08
C GLY A 344 22.92 17.39 -9.75
N LEU A 345 22.31 16.99 -8.65
CA LEU A 345 22.85 17.35 -7.35
C LEU A 345 24.29 16.86 -7.17
N VAL A 346 24.54 15.62 -7.51
CA VAL A 346 25.89 15.11 -7.39
C VAL A 346 26.88 16.02 -8.10
N ALA A 347 26.54 16.57 -9.26
CA ALA A 347 27.52 17.38 -9.95
C ALA A 347 27.83 18.57 -9.06
N LEU A 348 26.79 19.10 -8.43
CA LEU A 348 26.95 20.31 -7.62
C LEU A 348 27.76 20.02 -6.37
N GLU A 349 27.47 18.94 -5.68
CA GLU A 349 28.22 18.57 -4.48
C GLU A 349 29.69 18.44 -4.78
N ALA A 350 30.00 17.73 -5.85
CA ALA A 350 31.36 17.62 -6.36
C ALA A 350 31.98 18.97 -6.68
N MET A 351 31.26 19.81 -7.40
CA MET A 351 31.81 21.07 -7.82
C MET A 351 32.09 21.98 -6.62
N CYS A 352 31.29 21.85 -5.56
CA CYS A 352 31.40 22.70 -4.36
C CYS A 352 32.70 22.34 -3.69
N LEU A 353 33.23 21.17 -4.02
CA LEU A 353 34.43 20.69 -3.37
C LEU A 353 35.66 20.69 -4.27
N GLY A 354 35.56 21.33 -5.42
CA GLY A 354 36.68 21.44 -6.34
C GLY A 354 36.92 20.25 -7.24
N ALA A 355 36.07 19.23 -7.20
CA ALA A 355 36.18 18.14 -8.17
C ALA A 355 35.58 18.60 -9.50
N ILE A 356 36.26 18.27 -10.60
CA ILE A 356 35.79 18.67 -11.91
C ILE A 356 34.95 17.54 -12.52
N PRO A 357 33.73 17.86 -12.95
CA PRO A 357 32.84 16.83 -13.45
C PRO A 357 33.08 16.53 -14.91
N ILE A 358 32.93 15.26 -15.24
CA ILE A 358 32.77 14.77 -16.58
C ILE A 358 31.43 14.04 -16.61
N ALA A 359 30.42 14.61 -17.29
CA ALA A 359 29.05 14.14 -17.17
C ALA A 359 28.38 13.91 -18.52
N SER A 360 27.27 13.18 -18.52
CA SER A 360 26.44 13.11 -19.72
C SER A 360 25.71 14.45 -19.87
N ALA A 361 25.52 14.87 -21.11
CA ALA A 361 24.86 16.12 -21.40
C ALA A 361 23.37 15.89 -21.29
N VAL A 362 22.90 15.50 -20.13
CA VAL A 362 21.48 15.29 -19.97
C VAL A 362 20.88 16.18 -18.90
N GLY A 363 19.67 16.67 -19.17
CA GLY A 363 18.88 17.37 -18.17
C GLY A 363 19.60 18.50 -17.52
N GLY A 364 19.52 18.56 -16.19
CA GLY A 364 20.12 19.65 -15.44
C GLY A 364 21.64 19.70 -15.52
N LEU A 365 22.27 18.60 -15.91
CA LEU A 365 23.72 18.61 -16.04
C LEU A 365 24.13 19.62 -17.12
N ARG A 366 23.33 19.75 -18.18
CA ARG A 366 23.61 20.75 -19.21
C ARG A 366 23.43 22.16 -18.66
N ASP A 367 22.62 22.32 -17.62
CA ASP A 367 22.40 23.64 -17.04
C ASP A 367 23.58 23.98 -16.15
N ILE A 368 23.92 23.03 -15.30
CA ILE A 368 24.89 23.24 -14.26
C ILE A 368 26.29 23.36 -14.79
N ILE A 369 26.69 22.42 -15.63
CA ILE A 369 28.09 22.29 -16.05
C ILE A 369 28.40 23.08 -17.32
N THR A 370 28.77 24.34 -17.15
CA THR A 370 29.08 25.20 -18.27
C THR A 370 30.51 24.94 -18.73
N ASN A 371 30.89 25.59 -19.81
CA ASN A 371 32.05 25.13 -20.51
C ASN A 371 33.36 25.47 -19.79
N GLU A 372 33.35 26.36 -18.81
CA GLU A 372 34.56 26.63 -17.99
C GLU A 372 34.56 25.86 -16.71
N THR A 373 33.67 24.90 -16.55
CA THR A 373 33.52 24.24 -15.27
C THR A 373 33.30 22.75 -15.32
N GLY A 374 33.88 22.05 -16.25
CA GLY A 374 33.52 20.62 -16.39
C GLY A 374 33.35 20.22 -17.84
N ILE A 375 33.34 18.92 -18.09
CA ILE A 375 33.29 18.42 -19.43
C ILE A 375 31.98 17.69 -19.65
N LEU A 376 31.31 17.94 -20.78
CA LEU A 376 30.06 17.23 -21.10
C LEU A 376 30.22 16.31 -22.28
N VAL A 377 29.41 15.26 -22.35
CA VAL A 377 29.63 14.17 -23.29
C VAL A 377 28.30 13.48 -23.64
N LYS A 378 28.19 12.85 -24.81
CA LYS A 378 26.96 12.16 -25.17
C LYS A 378 26.64 11.11 -24.13
N ALA A 379 25.36 11.01 -23.75
CA ALA A 379 24.96 9.98 -22.82
C ALA A 379 25.04 8.64 -23.55
N GLY A 380 25.21 7.56 -22.81
CA GLY A 380 25.21 6.21 -23.37
C GLY A 380 26.35 5.86 -24.31
N ASP A 381 27.43 6.64 -24.34
CA ASP A 381 28.49 6.44 -25.35
C ASP A 381 29.89 6.19 -24.75
N PRO A 382 30.24 4.91 -24.53
CA PRO A 382 31.49 4.61 -23.86
C PRO A 382 32.73 5.23 -24.51
N GLY A 383 32.75 5.26 -25.84
CA GLY A 383 33.91 5.80 -26.55
C GLY A 383 34.04 7.30 -26.39
N GLU A 384 32.91 7.99 -26.25
CA GLU A 384 32.91 9.42 -26.03
C GLU A 384 33.39 9.73 -24.62
N LEU A 385 32.97 8.88 -23.67
CA LEU A 385 33.37 9.00 -22.28
C LEU A 385 34.86 8.68 -22.12
N ALA A 386 35.28 7.57 -22.71
CA ALA A 386 36.68 7.15 -22.63
C ALA A 386 37.53 8.25 -23.23
N ASN A 387 37.01 8.86 -24.28
CA ASN A 387 37.75 9.91 -24.93
C ASN A 387 37.91 11.13 -24.03
N ALA A 388 36.82 11.52 -23.36
CA ALA A 388 36.78 12.70 -22.48
C ALA A 388 37.72 12.55 -21.29
N ILE A 389 37.73 11.35 -20.75
CA ILE A 389 38.66 10.97 -19.71
C ILE A 389 40.08 11.19 -20.19
N LEU A 390 40.29 10.98 -21.49
CA LEU A 390 41.62 11.16 -22.06
C LEU A 390 41.96 12.63 -22.13
N LYS A 391 41.00 13.43 -22.55
CA LYS A 391 41.20 14.86 -22.65
C LYS A 391 41.53 15.43 -21.28
N ALA A 392 40.81 14.94 -20.28
CA ALA A 392 40.96 15.43 -18.92
C ALA A 392 42.36 15.16 -18.41
N LEU A 393 42.83 13.97 -18.68
CA LEU A 393 44.15 13.56 -18.25
C LEU A 393 45.22 14.43 -18.89
N GLU A 394 44.95 14.94 -20.07
CA GLU A 394 45.89 15.82 -20.72
C GLU A 394 45.68 17.22 -20.20
N LEU A 395 44.60 17.38 -19.47
CA LEU A 395 44.22 18.68 -18.99
C LEU A 395 45.10 18.99 -17.84
N SER A 396 45.59 17.94 -17.24
CA SER A 396 46.35 18.05 -16.04
C SER A 396 47.45 19.04 -16.24
N ARG A 397 47.13 20.28 -15.93
CA ARG A 397 48.11 21.31 -15.86
C ARG A 397 47.61 22.12 -14.74
N SER A 398 48.50 22.73 -14.00
CA SER A 398 48.10 23.39 -12.79
C SER A 398 47.16 24.54 -13.08
N ASP A 399 46.46 24.46 -14.19
CA ASP A 399 45.31 25.29 -14.46
C ASP A 399 44.09 24.39 -14.54
N LEU A 400 44.16 23.29 -13.81
CA LEU A 400 43.04 22.50 -13.39
C LEU A 400 42.51 23.31 -12.27
N SER A 401 43.38 24.15 -11.74
CA SER A 401 43.09 25.03 -10.63
C SER A 401 42.13 26.15 -11.03
N LYS A 402 42.23 26.63 -12.27
CA LYS A 402 41.25 27.59 -12.79
C LYS A 402 39.87 26.96 -12.84
N PHE A 403 39.83 25.76 -13.41
CA PHE A 403 38.63 24.94 -13.47
C PHE A 403 37.99 24.76 -12.12
N ARG A 404 38.80 24.34 -11.15
CA ARG A 404 38.28 23.97 -9.84
C ARG A 404 37.59 25.17 -9.25
N GLU A 405 38.22 26.33 -9.44
CA GLU A 405 37.73 27.57 -8.85
C GLU A 405 36.40 27.92 -9.52
N ASN A 406 36.36 27.77 -10.83
CA ASN A 406 35.15 28.04 -11.55
C ASN A 406 34.04 27.11 -11.14
N CYS A 407 34.41 25.89 -10.83
CA CYS A 407 33.44 24.90 -10.38
C CYS A 407 32.77 25.37 -9.10
N LYS A 408 33.57 25.89 -8.16
CA LYS A 408 33.04 26.26 -6.86
C LYS A 408 32.15 27.47 -6.95
N LYS A 409 32.62 28.45 -7.70
CA LYS A 409 31.92 29.68 -7.88
C LYS A 409 30.56 29.37 -8.45
N ARG A 410 30.55 28.43 -9.39
CA ARG A 410 29.36 28.11 -10.14
C ARG A 410 28.36 27.36 -9.28
N ALA A 411 28.82 26.28 -8.67
CA ALA A 411 27.94 25.44 -7.88
C ALA A 411 27.26 26.28 -6.83
N MET A 412 27.95 27.28 -6.31
CA MET A 412 27.37 28.05 -5.23
C MET A 412 26.38 29.12 -5.62
N SER A 413 26.20 29.35 -6.90
CA SER A 413 25.14 30.26 -7.28
C SER A 413 23.80 29.52 -7.22
N PHE A 414 23.84 28.21 -7.00
CA PHE A 414 22.60 27.40 -6.92
C PHE A 414 22.12 27.30 -5.44
N SER A 415 21.75 28.44 -4.88
CA SER A 415 21.28 28.48 -3.51
C SER A 415 19.81 28.12 -3.44
N TRP A 416 19.39 27.55 -2.33
CA TRP A 416 17.97 27.33 -2.05
C TRP A 416 17.18 28.64 -1.89
N GLU A 417 17.86 29.70 -1.51
CA GLU A 417 17.20 30.96 -1.37
C GLU A 417 16.71 31.43 -2.73
N LYS A 418 17.54 31.24 -3.76
CA LYS A 418 17.11 31.65 -5.09
C LYS A 418 15.95 30.81 -5.58
N SER A 419 15.97 29.52 -5.28
CA SER A 419 14.84 28.66 -5.63
C SER A 419 13.58 29.24 -5.01
N ALA A 420 13.63 29.49 -3.72
CA ALA A 420 12.50 29.98 -2.96
C ALA A 420 11.97 31.28 -3.54
N GLU A 421 12.87 32.19 -3.88
CA GLU A 421 12.44 33.47 -4.38
C GLU A 421 11.72 33.28 -5.70
N ARG A 422 12.06 32.18 -6.34
CA ARG A 422 11.60 31.87 -7.67
C ARG A 422 10.21 31.27 -7.60
N TYR A 423 10.06 30.35 -6.67
CA TYR A 423 8.78 29.77 -6.41
C TYR A 423 7.78 30.83 -5.98
N VAL A 424 8.23 31.82 -5.23
CA VAL A 424 7.36 32.92 -4.81
C VAL A 424 6.81 33.72 -5.99
N LYS A 425 7.64 34.00 -6.99
CA LYS A 425 7.14 34.66 -8.20
C LYS A 425 6.12 33.77 -8.83
N ALA A 426 6.39 32.48 -8.89
CA ALA A 426 5.47 31.56 -9.53
C ALA A 426 4.20 31.50 -8.75
N TYR A 427 4.26 31.65 -7.43
CA TYR A 427 3.03 31.58 -6.63
C TYR A 427 2.11 32.77 -6.89
N ALA A 428 2.63 33.81 -7.51
CA ALA A 428 1.96 35.09 -7.40
C ALA A 428 1.33 35.46 -8.72
N ARG B 1 -16.34 -7.88 -22.40
CA ARG B 1 -15.51 -7.11 -21.43
C ARG B 1 -16.39 -6.57 -20.33
N HIS B 2 -16.68 -5.28 -20.41
CA HIS B 2 -17.37 -4.54 -19.37
C HIS B 2 -18.73 -5.09 -19.03
N MET B 3 -19.00 -5.39 -17.78
CA MET B 3 -20.33 -5.83 -17.41
C MET B 3 -20.98 -4.86 -16.47
N LYS B 4 -22.30 -4.97 -16.33
CA LYS B 4 -23.07 -4.24 -15.32
C LYS B 4 -23.67 -5.25 -14.36
N VAL B 5 -23.19 -5.22 -13.13
CA VAL B 5 -23.49 -6.22 -12.12
C VAL B 5 -24.44 -5.70 -11.05
N LEU B 6 -25.47 -6.47 -10.71
CA LEU B 6 -26.29 -6.15 -9.56
C LEU B 6 -25.94 -7.09 -8.44
N LEU B 7 -25.42 -6.54 -7.36
CA LEU B 7 -24.95 -7.37 -6.30
C LEU B 7 -25.85 -7.19 -5.10
N LEU B 8 -26.46 -8.28 -4.64
CA LEU B 8 -27.34 -8.24 -3.45
C LEU B 8 -26.65 -8.82 -2.24
N GLY B 9 -26.61 -8.03 -1.17
CA GLY B 9 -25.96 -8.45 0.06
C GLY B 9 -26.69 -7.91 1.27
N PHE B 10 -26.73 -8.70 2.33
CA PHE B 10 -27.48 -8.33 3.51
C PHE B 10 -26.65 -7.49 4.52
N GLU B 11 -25.32 -7.56 4.40
CA GLU B 11 -24.45 -6.63 5.11
C GLU B 11 -23.37 -6.07 4.18
N PHE B 12 -22.93 -4.86 4.48
CA PHE B 12 -22.05 -4.08 3.61
C PHE B 12 -21.50 -2.92 4.43
N LEU B 13 -20.18 -2.74 4.42
CA LEU B 13 -19.55 -1.73 5.27
C LEU B 13 -20.30 -0.45 5.02
N PRO B 14 -20.47 0.40 6.05
CA PRO B 14 -20.01 0.29 7.42
C PRO B 14 -20.86 -0.59 8.32
N VAL B 15 -21.90 -1.24 7.81
CA VAL B 15 -22.77 -2.06 8.65
C VAL B 15 -22.32 -3.49 8.57
N LYS B 16 -21.79 -4.01 9.66
CA LYS B 16 -21.29 -5.39 9.65
C LYS B 16 -21.72 -6.19 10.87
N VAL B 17 -21.69 -7.52 10.76
CA VAL B 17 -21.81 -8.35 11.95
C VAL B 17 -20.46 -9.12 12.12
N GLY B 18 -20.16 -10.07 11.26
CA GLY B 18 -18.87 -10.71 11.28
C GLY B 18 -18.19 -10.18 10.06
N GLY B 19 -17.46 -11.03 9.36
CA GLY B 19 -16.67 -10.58 8.25
C GLY B 19 -17.37 -10.39 6.92
N LEU B 20 -18.64 -10.75 6.80
CA LEU B 20 -19.29 -10.70 5.49
C LEU B 20 -19.30 -9.26 4.91
N ALA B 21 -19.63 -8.29 5.73
CA ALA B 21 -19.67 -6.90 5.24
C ALA B 21 -18.38 -6.57 4.51
N GLU B 22 -17.27 -6.94 5.11
CA GLU B 22 -15.98 -6.56 4.58
C GLU B 22 -15.71 -7.32 3.30
N ALA B 23 -16.17 -8.56 3.27
CA ALA B 23 -15.96 -9.41 2.13
C ALA B 23 -16.74 -8.88 0.94
N LEU B 24 -17.98 -8.45 1.19
CA LEU B 24 -18.85 -7.97 0.12
C LEU B 24 -18.43 -6.60 -0.36
N THR B 25 -17.98 -5.76 0.56
CA THR B 25 -17.40 -4.48 0.17
C THR B 25 -16.18 -4.67 -0.72
N ALA B 26 -15.32 -5.62 -0.36
CA ALA B 26 -14.04 -5.85 -1.07
C ALA B 26 -14.33 -6.36 -2.49
N ILE B 27 -15.19 -7.36 -2.60
CA ILE B 27 -15.65 -7.79 -3.89
C ILE B 27 -16.15 -6.65 -4.80
N SER B 28 -17.09 -5.85 -4.29
CA SER B 28 -17.69 -4.76 -5.06
C SER B 28 -16.66 -3.76 -5.55
N GLU B 29 -15.75 -3.41 -4.65
CA GLU B 29 -14.64 -2.53 -4.94
C GLU B 29 -13.73 -3.15 -6.01
N ALA B 30 -13.42 -4.43 -5.88
CA ALA B 30 -12.56 -5.12 -6.84
C ALA B 30 -13.21 -5.20 -8.21
N LEU B 31 -14.49 -5.56 -8.27
CA LEU B 31 -15.20 -5.52 -9.52
C LEU B 31 -15.16 -4.12 -10.14
N ALA B 32 -15.49 -3.11 -9.35
CA ALA B 32 -15.55 -1.74 -9.87
C ALA B 32 -14.22 -1.32 -10.47
N SER B 33 -13.16 -1.64 -9.78
CA SER B 33 -11.87 -1.17 -10.20
C SER B 33 -11.39 -1.91 -11.41
N LEU B 34 -11.92 -3.08 -11.69
CA LEU B 34 -11.63 -3.68 -12.97
C LEU B 34 -12.38 -2.95 -14.10
N GLY B 35 -13.20 -1.96 -13.77
CA GLY B 35 -13.92 -1.23 -14.79
C GLY B 35 -15.35 -1.64 -14.99
N HIS B 36 -15.89 -2.54 -14.18
CA HIS B 36 -17.29 -2.90 -14.33
C HIS B 36 -18.21 -1.98 -13.58
N GLU B 37 -19.45 -1.91 -14.03
CA GLU B 37 -20.45 -1.14 -13.33
C GLU B 37 -21.12 -2.04 -12.29
N VAL B 38 -21.04 -1.65 -11.03
CA VAL B 38 -21.50 -2.48 -9.92
C VAL B 38 -22.59 -1.74 -9.14
N LEU B 39 -23.78 -2.31 -9.07
CA LEU B 39 -24.84 -1.77 -8.23
C LEU B 39 -24.98 -2.66 -7.02
N VAL B 40 -24.96 -2.05 -5.85
CA VAL B 40 -25.18 -2.83 -4.68
C VAL B 40 -26.56 -2.51 -4.11
N PHE B 41 -27.37 -3.52 -3.87
CA PHE B 41 -28.56 -3.38 -3.00
C PHE B 41 -28.30 -4.06 -1.64
N THR B 42 -28.53 -3.34 -0.55
CA THR B 42 -28.32 -3.88 0.79
C THR B 42 -29.29 -3.13 1.72
N PRO B 43 -29.69 -3.74 2.83
CA PRO B 43 -30.57 -3.02 3.71
C PRO B 43 -29.84 -1.90 4.44
N SER B 44 -30.59 -0.90 4.87
CA SER B 44 -30.05 0.21 5.64
C SER B 44 -29.84 -0.19 7.09
N HIS B 45 -30.61 -1.18 7.55
CA HIS B 45 -30.53 -1.60 8.95
C HIS B 45 -30.54 -0.45 9.95
N GLY B 46 -31.12 0.67 9.59
CA GLY B 46 -31.21 1.75 10.55
C GLY B 46 -30.09 2.77 10.47
N ARG B 47 -29.03 2.49 9.75
CA ARG B 47 -27.92 3.44 9.68
C ARG B 47 -28.15 4.56 8.69
N PHE B 48 -29.06 4.39 7.76
CA PHE B 48 -29.25 5.44 6.74
C PHE B 48 -30.68 5.95 6.74
N GLN B 49 -30.89 7.17 6.28
CA GLN B 49 -32.21 7.78 6.25
C GLN B 49 -32.55 8.17 4.79
N GLY B 50 -33.20 7.28 4.06
CA GLY B 50 -33.29 7.47 2.62
C GLY B 50 -34.53 8.22 2.20
N GLU B 51 -34.67 8.40 0.88
CA GLU B 51 -35.84 8.98 0.27
C GLU B 51 -36.92 7.93 0.07
N GLU B 52 -38.16 8.29 0.36
CA GLU B 52 -39.28 7.42 -0.01
C GLU B 52 -39.34 7.27 -1.52
N ILE B 53 -39.53 6.04 -1.99
CA ILE B 53 -39.67 5.79 -3.40
C ILE B 53 -40.96 5.05 -3.74
N GLY B 54 -41.80 4.80 -2.76
CA GLY B 54 -43.05 4.12 -3.00
C GLY B 54 -43.33 3.05 -1.98
N LYS B 55 -44.42 2.34 -2.19
CA LYS B 55 -44.98 1.40 -1.22
C LYS B 55 -44.86 -0.05 -1.66
N ILE B 56 -44.61 -0.96 -0.72
CA ILE B 56 -44.75 -2.35 -1.01
C ILE B 56 -45.79 -2.90 -0.05
N ARG B 57 -46.25 -4.08 -0.32
CA ARG B 57 -47.21 -4.72 0.49
C ARG B 57 -46.58 -5.98 0.94
N VAL B 58 -46.46 -6.17 2.25
CA VAL B 58 -45.77 -7.33 2.76
C VAL B 58 -46.53 -7.84 3.96
N PHE B 59 -46.76 -9.13 4.02
CA PHE B 59 -47.57 -9.75 5.05
C PHE B 59 -48.92 -9.09 5.36
N GLY B 60 -49.65 -8.68 4.34
CA GLY B 60 -50.96 -8.08 4.54
C GLY B 60 -50.89 -6.62 4.94
N GLU B 61 -49.69 -6.04 4.88
CA GLU B 61 -49.49 -4.64 5.24
C GLU B 61 -48.66 -3.87 4.25
N GLU B 62 -48.82 -2.55 4.30
CA GLU B 62 -48.06 -1.66 3.43
C GLU B 62 -46.81 -1.13 4.07
N VAL B 63 -45.71 -1.13 3.33
CA VAL B 63 -44.47 -0.59 3.82
C VAL B 63 -44.03 0.44 2.83
N GLN B 64 -43.62 1.60 3.33
CA GLN B 64 -43.05 2.65 2.51
C GLN B 64 -41.54 2.41 2.40
N VAL B 65 -41.04 2.24 1.19
CA VAL B 65 -39.63 1.97 0.97
C VAL B 65 -38.79 3.24 0.89
N LYS B 66 -37.60 3.19 1.50
CA LYS B 66 -36.72 4.33 1.47
C LYS B 66 -35.40 3.92 0.85
N VAL B 67 -34.71 4.86 0.24
CA VAL B 67 -33.44 4.52 -0.39
C VAL B 67 -32.41 5.65 -0.30
N SER B 68 -31.22 5.28 0.17
CA SER B 68 -30.04 6.16 0.21
C SER B 68 -29.09 5.76 -0.88
N TYR B 69 -28.56 6.73 -1.61
CA TYR B 69 -27.76 6.42 -2.76
C TYR B 69 -26.34 6.99 -2.62
N GLU B 70 -25.35 6.11 -2.61
CA GLU B 70 -23.95 6.51 -2.58
C GLU B 70 -23.27 6.10 -3.86
N GLU B 71 -22.61 7.04 -4.50
CA GLU B 71 -22.02 6.80 -5.80
C GLU B 71 -20.53 7.19 -5.88
N ARG B 72 -19.68 6.25 -6.27
CA ARG B 72 -18.26 6.51 -6.48
C ARG B 72 -17.81 5.88 -7.80
N GLY B 73 -17.84 6.68 -8.87
CA GLY B 73 -17.51 6.15 -10.19
C GLY B 73 -18.49 5.08 -10.62
N ASN B 74 -17.97 3.90 -10.96
CA ASN B 74 -18.74 2.72 -11.32
C ASN B 74 -19.32 1.97 -10.17
N LEU B 75 -19.06 2.39 -8.94
CA LEU B 75 -19.65 1.68 -7.81
C LEU B 75 -20.83 2.47 -7.33
N ARG B 76 -21.99 1.82 -7.29
CA ARG B 76 -23.20 2.47 -6.83
C ARG B 76 -23.86 1.65 -5.75
N ILE B 77 -24.01 2.27 -4.59
CA ILE B 77 -24.56 1.58 -3.44
C ILE B 77 -25.92 2.12 -3.06
N TYR B 78 -26.91 1.23 -3.09
CA TYR B 78 -28.25 1.57 -2.63
C TYR B 78 -28.55 0.87 -1.31
N ARG B 79 -28.87 1.65 -0.29
CA ARG B 79 -29.27 1.09 0.97
C ARG B 79 -30.74 1.34 1.13
N ILE B 80 -31.45 0.24 1.36
CA ILE B 80 -32.88 0.24 1.35
C ILE B 80 -33.39 0.12 2.76
N GLY B 81 -34.23 1.08 3.13
CA GLY B 81 -34.90 1.08 4.43
C GLY B 81 -36.38 0.94 4.24
N GLY B 82 -37.13 1.06 5.33
CA GLY B 82 -38.57 0.86 5.29
C GLY B 82 -38.94 -0.36 6.11
N GLY B 83 -39.93 -0.23 6.99
CA GLY B 83 -40.34 -1.33 7.86
C GLY B 83 -39.19 -2.01 8.58
N LEU B 84 -39.16 -3.33 8.52
CA LEU B 84 -38.14 -4.08 9.24
C LEU B 84 -36.73 -3.76 8.73
N LEU B 85 -36.62 -3.14 7.55
CA LEU B 85 -35.29 -2.84 7.01
C LEU B 85 -34.66 -1.71 7.79
N ASP B 86 -35.43 -1.17 8.74
CA ASP B 86 -34.90 -0.13 9.61
C ASP B 86 -34.38 -0.69 10.92
N SER B 87 -34.59 -1.97 11.18
CA SER B 87 -34.07 -2.53 12.41
C SER B 87 -32.57 -2.62 12.36
N GLU B 88 -31.94 -2.16 13.42
CA GLU B 88 -30.50 -2.19 13.55
C GLU B 88 -29.94 -3.54 13.86
N ASP B 89 -30.84 -4.45 14.14
CA ASP B 89 -30.52 -5.81 14.41
C ASP B 89 -30.42 -6.48 13.05
N VAL B 90 -29.20 -6.52 12.51
CA VAL B 90 -28.93 -7.05 11.17
C VAL B 90 -29.59 -8.39 10.86
N TYR B 91 -29.32 -9.36 11.72
CA TYR B 91 -29.91 -10.66 11.57
C TYR B 91 -31.01 -10.78 12.59
N GLY B 92 -31.98 -9.88 12.53
CA GLY B 92 -33.16 -9.97 13.39
C GLY B 92 -34.24 -9.05 12.86
N PRO B 93 -35.10 -8.55 13.75
CA PRO B 93 -35.08 -8.81 15.18
C PRO B 93 -35.82 -10.09 15.49
N GLY B 94 -35.15 -11.05 16.12
CA GLY B 94 -35.67 -12.40 16.30
C GLY B 94 -35.67 -13.15 15.00
N TRP B 95 -35.88 -14.46 15.07
CA TRP B 95 -35.91 -15.29 13.87
C TRP B 95 -37.03 -14.91 12.93
N ASP B 96 -38.23 -14.81 13.43
CA ASP B 96 -39.31 -14.46 12.53
C ASP B 96 -39.08 -13.09 11.91
N GLY B 97 -38.56 -12.15 12.69
CA GLY B 97 -38.34 -10.78 12.20
C GLY B 97 -37.32 -10.75 11.06
N LEU B 98 -36.27 -11.51 11.25
CA LEU B 98 -35.27 -11.65 10.23
C LEU B 98 -35.87 -12.10 8.89
N ILE B 99 -36.69 -13.15 8.92
CA ILE B 99 -37.20 -13.68 7.67
C ILE B 99 -38.20 -12.73 7.01
N ARG B 100 -39.05 -12.11 7.81
CA ARG B 100 -39.91 -11.08 7.28
C ARG B 100 -39.08 -9.94 6.70
N LYS B 101 -37.99 -9.58 7.37
CA LYS B 101 -37.06 -8.57 6.87
C LYS B 101 -36.53 -8.99 5.51
N ALA B 102 -36.20 -10.27 5.39
CA ALA B 102 -35.61 -10.76 4.15
C ALA B 102 -36.63 -10.74 3.02
N VAL B 103 -37.87 -11.02 3.35
CA VAL B 103 -38.92 -10.94 2.36
C VAL B 103 -39.12 -9.49 1.96
N THR B 104 -39.08 -8.62 2.96
CA THR B 104 -39.27 -7.19 2.72
C THR B 104 -38.21 -6.73 1.72
N PHE B 105 -36.96 -7.12 2.01
CA PHE B 105 -35.82 -6.77 1.17
C PHE B 105 -36.06 -7.20 -0.27
N GLY B 106 -36.65 -8.37 -0.44
CA GLY B 106 -36.99 -8.86 -1.78
C GLY B 106 -37.92 -7.93 -2.53
N ARG B 107 -39.09 -7.67 -1.95
CA ARG B 107 -40.08 -6.83 -2.61
C ARG B 107 -39.49 -5.45 -2.82
N ALA B 108 -38.77 -4.95 -1.83
CA ALA B 108 -38.23 -3.61 -1.91
C ALA B 108 -37.24 -3.53 -3.08
N SER B 109 -36.41 -4.56 -3.24
CA SER B 109 -35.42 -4.58 -4.31
C SER B 109 -36.08 -4.51 -5.70
N VAL B 110 -37.11 -5.33 -5.90
CA VAL B 110 -37.88 -5.26 -7.13
C VAL B 110 -38.38 -3.84 -7.40
N LEU B 111 -38.97 -3.20 -6.39
CA LEU B 111 -39.45 -1.83 -6.55
C LEU B 111 -38.32 -0.90 -7.03
N LEU B 112 -37.17 -1.00 -6.40
CA LEU B 112 -36.05 -0.12 -6.69
C LEU B 112 -35.54 -0.36 -8.09
N LEU B 113 -35.40 -1.63 -8.47
CA LEU B 113 -34.90 -1.94 -9.80
C LEU B 113 -35.87 -1.43 -10.88
N ASN B 114 -37.16 -1.68 -10.73
CA ASN B 114 -38.16 -1.08 -11.62
C ASN B 114 -38.00 0.42 -11.71
N ASP B 115 -37.93 1.06 -10.56
CA ASP B 115 -37.72 2.48 -10.52
C ASP B 115 -36.50 2.87 -11.35
N LEU B 116 -35.37 2.19 -11.13
CA LEU B 116 -34.13 2.49 -11.84
C LEU B 116 -34.19 2.24 -13.34
N LEU B 117 -34.87 1.16 -13.73
CA LEU B 117 -34.92 0.74 -15.14
C LEU B 117 -35.66 1.77 -15.97
N ARG B 118 -36.35 2.68 -15.31
CA ARG B 118 -36.95 3.74 -16.06
C ARG B 118 -35.88 4.60 -16.73
N GLU B 119 -34.62 4.35 -16.47
CA GLU B 119 -33.60 5.26 -16.94
C GLU B 119 -32.29 4.62 -17.26
N GLU B 120 -32.21 3.30 -17.25
CA GLU B 120 -30.99 2.64 -17.62
C GLU B 120 -31.23 1.17 -17.94
N PRO B 121 -30.35 0.57 -18.73
CA PRO B 121 -30.61 -0.80 -19.10
C PRO B 121 -30.49 -1.75 -17.94
N LEU B 122 -31.10 -2.90 -18.15
CA LEU B 122 -31.04 -4.01 -17.24
C LEU B 122 -29.60 -4.39 -16.99
N PRO B 123 -29.27 -4.82 -15.78
CA PRO B 123 -27.98 -5.34 -15.49
C PRO B 123 -27.76 -6.63 -16.24
N ASP B 124 -26.50 -7.01 -16.45
CA ASP B 124 -26.16 -8.25 -17.17
C ASP B 124 -26.26 -9.48 -16.30
N VAL B 125 -26.14 -9.30 -14.98
CA VAL B 125 -26.19 -10.42 -14.05
C VAL B 125 -26.63 -9.93 -12.66
N VAL B 126 -27.31 -10.78 -11.89
CA VAL B 126 -27.57 -10.48 -10.49
C VAL B 126 -26.84 -11.50 -9.66
N HIS B 127 -26.07 -10.99 -8.71
CA HIS B 127 -25.17 -11.83 -7.93
C HIS B 127 -25.56 -11.67 -6.50
N PHE B 128 -26.20 -12.71 -5.96
CA PHE B 128 -26.71 -12.62 -4.59
C PHE B 128 -26.03 -13.58 -3.63
N HIS B 129 -25.93 -13.17 -2.39
CA HIS B 129 -25.01 -13.77 -1.44
C HIS B 129 -25.70 -14.27 -0.20
N ASP B 130 -25.53 -15.55 0.10
CA ASP B 130 -26.12 -16.16 1.30
C ASP B 130 -27.68 -16.18 1.27
N TRP B 131 -28.29 -16.87 2.22
CA TRP B 131 -29.70 -17.18 2.09
C TRP B 131 -30.62 -16.00 2.34
N HIS B 132 -30.16 -15.00 3.05
CA HIS B 132 -30.96 -13.86 3.36
C HIS B 132 -31.31 -13.09 2.13
N THR B 133 -30.62 -13.28 1.03
CA THR B 133 -30.94 -12.48 -0.16
C THR B 133 -31.64 -13.33 -1.23
N VAL B 134 -31.98 -14.57 -0.90
CA VAL B 134 -32.67 -15.45 -1.83
C VAL B 134 -34.04 -14.95 -2.30
N PHE B 135 -34.79 -14.30 -1.42
CA PHE B 135 -36.08 -13.79 -1.87
C PHE B 135 -35.84 -12.73 -2.94
N ALA B 136 -34.86 -11.89 -2.70
CA ALA B 136 -34.54 -10.84 -3.63
C ALA B 136 -34.00 -11.40 -4.95
N GLY B 137 -33.06 -12.33 -4.85
CA GLY B 137 -32.48 -12.90 -6.04
C GLY B 137 -33.52 -13.57 -6.90
N ALA B 138 -34.35 -14.41 -6.27
CA ALA B 138 -35.41 -15.17 -6.97
C ALA B 138 -36.47 -14.30 -7.60
N LEU B 139 -36.81 -13.20 -6.92
CA LEU B 139 -37.77 -12.25 -7.49
C LEU B 139 -37.19 -11.55 -8.69
N ILE B 140 -35.94 -11.14 -8.61
CA ILE B 140 -35.33 -10.38 -9.70
C ILE B 140 -35.15 -11.24 -10.95
N LYS B 141 -34.62 -12.44 -10.79
CA LYS B 141 -34.61 -13.41 -11.88
C LYS B 141 -36.02 -13.57 -12.44
N LYS B 142 -36.94 -14.00 -11.60
CA LYS B 142 -38.30 -14.22 -12.07
C LYS B 142 -38.85 -13.05 -12.86
N TYR B 143 -38.77 -11.84 -12.33
CA TYR B 143 -39.46 -10.72 -12.96
C TYR B 143 -38.69 -10.04 -14.06
N PHE B 144 -37.37 -10.01 -13.97
CA PHE B 144 -36.59 -9.25 -14.95
C PHE B 144 -35.78 -10.18 -15.82
N LYS B 145 -35.73 -11.43 -15.43
CA LYS B 145 -35.20 -12.48 -16.31
C LYS B 145 -33.76 -12.26 -16.63
N ILE B 146 -32.94 -11.94 -15.64
CA ILE B 146 -31.54 -11.80 -15.91
C ILE B 146 -30.81 -12.94 -15.21
N PRO B 147 -29.67 -13.35 -15.77
CA PRO B 147 -28.85 -14.39 -15.21
C PRO B 147 -28.57 -14.14 -13.74
N ALA B 148 -28.56 -15.21 -12.95
CA ALA B 148 -28.32 -15.10 -11.53
C ALA B 148 -27.18 -16.01 -11.14
N VAL B 149 -26.38 -15.53 -10.20
CA VAL B 149 -25.29 -16.25 -9.64
C VAL B 149 -25.42 -16.20 -8.13
N PHE B 150 -25.29 -17.34 -7.49
CA PHE B 150 -25.58 -17.44 -6.09
C PHE B 150 -24.34 -17.87 -5.41
N THR B 151 -23.87 -17.04 -4.50
CA THR B 151 -22.68 -17.38 -3.76
C THR B 151 -23.05 -17.65 -2.31
N ILE B 152 -22.62 -18.80 -1.82
CA ILE B 152 -22.79 -19.18 -0.42
C ILE B 152 -21.48 -18.92 0.32
N HIS B 153 -21.51 -18.16 1.41
CA HIS B 153 -20.30 -17.94 2.24
C HIS B 153 -20.29 -18.86 3.46
N ARG B 154 -21.46 -19.25 3.93
CA ARG B 154 -21.53 -20.21 5.01
C ARG B 154 -22.91 -20.86 4.96
N LEU B 155 -22.95 -22.19 4.93
CA LEU B 155 -24.20 -22.89 4.89
C LEU B 155 -24.90 -22.84 6.26
N ASN B 156 -26.11 -22.30 6.33
CA ASN B 156 -26.86 -22.25 7.57
C ASN B 156 -27.58 -23.59 7.82
N LYS B 157 -27.85 -24.33 6.76
CA LYS B 157 -28.52 -25.62 6.85
C LYS B 157 -29.80 -25.57 7.68
N SER B 158 -30.81 -24.87 7.19
CA SER B 158 -32.00 -24.66 7.97
C SER B 158 -33.18 -24.41 7.06
N LYS B 159 -34.38 -24.77 7.50
CA LYS B 159 -35.52 -24.61 6.61
C LYS B 159 -36.47 -23.53 7.02
N LEU B 160 -37.22 -23.04 6.04
CA LEU B 160 -38.27 -22.08 6.30
C LEU B 160 -39.62 -22.63 5.90
N PRO B 161 -40.63 -22.29 6.67
CA PRO B 161 -42.02 -22.57 6.30
C PRO B 161 -42.31 -21.97 4.95
N ALA B 162 -43.07 -22.67 4.12
CA ALA B 162 -43.51 -22.15 2.82
C ALA B 162 -44.10 -20.77 2.92
N PHE B 163 -44.73 -20.49 4.03
CA PHE B 163 -45.44 -19.23 4.25
C PHE B 163 -44.63 -18.07 3.73
N TYR B 164 -43.33 -18.11 3.96
CA TYR B 164 -42.53 -16.97 3.64
C TYR B 164 -42.37 -16.78 2.14
N PHE B 165 -42.26 -17.89 1.42
CA PHE B 165 -42.10 -17.82 -0.02
C PHE B 165 -43.38 -17.36 -0.69
N HIS B 166 -44.50 -17.79 -0.14
CA HIS B 166 -45.79 -17.37 -0.63
C HIS B 166 -45.93 -15.87 -0.42
N GLU B 167 -45.56 -15.39 0.75
CA GLU B 167 -45.72 -13.99 1.06
C GLU B 167 -44.77 -13.13 0.21
N ALA B 168 -43.65 -13.72 -0.20
CA ALA B 168 -42.68 -13.06 -1.03
C ALA B 168 -43.10 -13.03 -2.49
N GLY B 169 -44.17 -13.73 -2.80
CA GLY B 169 -44.61 -13.94 -4.19
C GLY B 169 -43.85 -15.02 -4.94
N LEU B 170 -43.49 -16.11 -4.27
CA LEU B 170 -42.61 -17.10 -4.86
C LEU B 170 -43.19 -18.48 -4.67
N SER B 171 -44.50 -18.55 -4.74
CA SER B 171 -45.20 -19.80 -4.46
C SER B 171 -44.66 -20.98 -5.19
N GLU B 172 -44.37 -20.77 -6.46
CA GLU B 172 -43.84 -21.80 -7.32
C GLU B 172 -42.55 -22.39 -6.73
N LEU B 173 -41.85 -21.64 -5.88
CA LEU B 173 -40.64 -22.17 -5.24
C LEU B 173 -40.95 -22.85 -3.92
N ALA B 174 -42.23 -23.07 -3.65
CA ALA B 174 -42.61 -23.63 -2.36
C ALA B 174 -43.52 -24.84 -2.45
N PRO B 175 -43.06 -25.90 -3.09
CA PRO B 175 -43.97 -27.03 -3.24
C PRO B 175 -44.01 -27.94 -2.02
N TYR B 176 -43.39 -27.55 -0.91
CA TYR B 176 -43.46 -28.35 0.32
C TYR B 176 -43.70 -27.47 1.51
N PRO B 177 -44.22 -28.06 2.58
CA PRO B 177 -44.50 -27.24 3.73
C PRO B 177 -43.27 -26.51 4.26
N ASP B 178 -42.07 -27.03 4.00
CA ASP B 178 -40.85 -26.40 4.48
C ASP B 178 -39.76 -26.53 3.46
N ILE B 179 -38.98 -25.46 3.34
CA ILE B 179 -38.12 -25.24 2.22
C ILE B 179 -36.79 -24.74 2.74
N ASP B 180 -35.73 -25.35 2.23
CA ASP B 180 -34.39 -24.87 2.49
C ASP B 180 -34.06 -23.71 1.55
N PRO B 181 -33.84 -22.52 2.09
CA PRO B 181 -33.65 -21.35 1.23
C PRO B 181 -32.29 -21.37 0.50
N GLU B 182 -31.29 -21.98 1.11
CA GLU B 182 -30.05 -22.17 0.36
C GLU B 182 -30.27 -23.05 -0.86
N HIS B 183 -31.10 -24.08 -0.70
CA HIS B 183 -31.38 -24.99 -1.79
C HIS B 183 -32.17 -24.28 -2.90
N THR B 184 -33.07 -23.41 -2.47
CA THR B 184 -33.84 -22.60 -3.40
C THR B 184 -32.92 -21.64 -4.19
N GLY B 185 -31.96 -21.04 -3.51
CA GLY B 185 -31.07 -20.13 -4.20
C GLY B 185 -30.28 -20.85 -5.26
N GLY B 186 -29.73 -22.00 -4.88
CA GLY B 186 -28.93 -22.78 -5.82
C GLY B 186 -29.80 -23.23 -6.96
N TYR B 187 -31.05 -23.48 -6.64
CA TYR B 187 -31.97 -24.00 -7.62
C TYR B 187 -32.32 -22.99 -8.71
N ILE B 188 -32.63 -21.75 -8.35
CA ILE B 188 -32.95 -20.79 -9.40
C ILE B 188 -31.69 -20.17 -10.04
N ALA B 189 -30.53 -20.31 -9.44
CA ALA B 189 -29.34 -19.70 -9.99
C ALA B 189 -28.89 -20.40 -11.25
N ASP B 190 -28.31 -19.64 -12.16
CA ASP B 190 -27.59 -20.19 -13.31
C ASP B 190 -26.23 -20.77 -12.88
N ILE B 191 -25.56 -20.08 -11.96
CA ILE B 191 -24.30 -20.56 -11.44
C ILE B 191 -24.30 -20.48 -9.93
N VAL B 192 -23.73 -21.49 -9.27
CA VAL B 192 -23.61 -21.45 -7.85
C VAL B 192 -22.14 -21.50 -7.47
N THR B 193 -21.77 -20.74 -6.44
CA THR B 193 -20.38 -20.76 -5.95
C THR B 193 -20.29 -20.78 -4.44
N THR B 194 -19.15 -21.24 -3.97
CA THR B 194 -18.80 -21.05 -2.58
C THR B 194 -17.33 -20.65 -2.52
N VAL B 195 -16.87 -20.25 -1.35
CA VAL B 195 -15.66 -19.42 -1.24
C VAL B 195 -14.36 -20.20 -1.14
N SER B 196 -14.42 -21.50 -1.36
CA SER B 196 -13.26 -22.34 -1.32
C SER B 196 -13.61 -23.69 -1.86
N ARG B 197 -12.62 -24.42 -2.38
CA ARG B 197 -12.85 -25.73 -2.95
C ARG B 197 -12.97 -26.77 -1.85
N GLY B 198 -12.20 -26.58 -0.80
CA GLY B 198 -12.26 -27.46 0.36
C GLY B 198 -13.64 -27.49 0.99
N TYR B 199 -14.30 -26.33 1.03
CA TYR B 199 -15.61 -26.24 1.61
C TYR B 199 -16.63 -26.77 0.65
N LEU B 200 -16.39 -26.56 -0.64
CA LEU B 200 -17.28 -27.15 -1.67
C LEU B 200 -17.30 -28.67 -1.52
N ILE B 201 -16.13 -29.24 -1.32
CA ILE B 201 -15.99 -30.68 -1.17
C ILE B 201 -16.48 -31.15 0.21
N ASP B 202 -16.16 -30.41 1.25
CA ASP B 202 -16.66 -30.74 2.58
C ASP B 202 -18.19 -30.84 2.63
N GLU B 203 -18.86 -30.03 1.81
CA GLU B 203 -20.31 -29.96 1.84
C GLU B 203 -20.90 -30.47 0.54
N TRP B 204 -20.18 -31.35 -0.12
CA TRP B 204 -20.59 -31.83 -1.42
C TRP B 204 -21.97 -32.47 -1.33
N GLY B 205 -22.30 -33.04 -0.17
CA GLY B 205 -23.63 -33.58 0.06
C GLY B 205 -24.65 -32.55 -0.38
N PHE B 206 -24.46 -31.30 0.02
CA PHE B 206 -25.37 -30.24 -0.38
C PHE B 206 -25.09 -29.77 -1.81
N PHE B 207 -23.83 -29.47 -2.07
CA PHE B 207 -23.51 -28.76 -3.31
C PHE B 207 -23.65 -29.61 -4.58
N ARG B 208 -23.62 -30.93 -4.43
CA ARG B 208 -23.75 -31.81 -5.57
C ARG B 208 -25.12 -31.64 -6.22
N ASN B 209 -26.08 -31.09 -5.48
CA ASN B 209 -27.38 -30.87 -6.07
C ASN B 209 -27.26 -30.00 -7.31
N PHE B 210 -26.16 -29.27 -7.41
CA PHE B 210 -25.99 -28.29 -8.47
C PHE B 210 -24.86 -28.63 -9.46
N GLU B 211 -24.55 -29.92 -9.54
CA GLU B 211 -23.60 -30.43 -10.49
C GLU B 211 -23.92 -29.84 -11.83
N GLY B 212 -22.88 -29.42 -12.55
CA GLY B 212 -23.09 -28.87 -13.88
C GLY B 212 -23.13 -27.35 -13.86
N LYS B 213 -23.41 -26.76 -12.71
CA LYS B 213 -23.36 -25.31 -12.61
C LYS B 213 -22.75 -24.82 -11.32
N ILE B 214 -21.85 -25.60 -10.74
CA ILE B 214 -21.28 -25.26 -9.46
C ILE B 214 -19.79 -25.12 -9.58
N THR B 215 -19.22 -24.12 -8.91
CA THR B 215 -17.78 -23.90 -8.89
C THR B 215 -17.37 -23.25 -7.58
N TYR B 216 -16.09 -22.96 -7.40
CA TYR B 216 -15.65 -22.18 -6.26
C TYR B 216 -14.88 -20.96 -6.72
N VAL B 217 -14.97 -19.92 -5.93
CA VAL B 217 -14.23 -18.72 -6.15
C VAL B 217 -13.71 -18.33 -4.78
N PHE B 218 -12.40 -18.37 -4.61
CA PHE B 218 -11.81 -18.01 -3.32
C PHE B 218 -12.11 -16.58 -2.96
N ASN B 219 -12.14 -16.26 -1.69
CA ASN B 219 -12.06 -14.87 -1.28
C ASN B 219 -10.65 -14.36 -1.33
N GLY B 220 -10.50 -13.13 -0.91
CA GLY B 220 -9.21 -12.48 -0.94
C GLY B 220 -8.88 -11.98 0.44
N ILE B 221 -7.70 -11.39 0.54
CA ILE B 221 -7.31 -10.72 1.75
C ILE B 221 -6.75 -9.35 1.40
N ASP B 222 -6.93 -8.37 2.27
CA ASP B 222 -6.31 -7.08 2.03
C ASP B 222 -4.89 -7.09 2.60
N CYS B 223 -3.87 -7.37 1.77
CA CYS B 223 -2.48 -7.35 2.29
C CYS B 223 -1.87 -5.95 2.31
N SER B 224 -2.58 -4.95 1.80
CA SER B 224 -2.11 -3.62 1.96
C SER B 224 -2.33 -3.22 3.41
N PHE B 225 -3.33 -3.85 4.06
CA PHE B 225 -3.48 -3.70 5.51
C PHE B 225 -2.66 -4.73 6.29
N TRP B 226 -2.73 -5.99 5.89
CA TRP B 226 -2.02 -7.05 6.58
C TRP B 226 -0.62 -7.27 6.03
N ASN B 227 0.32 -6.48 6.50
CA ASN B 227 1.70 -6.74 6.19
C ASN B 227 2.54 -6.13 7.27
N GLU B 228 3.84 -6.37 7.18
CA GLU B 228 4.75 -6.02 8.26
C GLU B 228 5.23 -4.60 8.18
N SER B 229 4.99 -3.93 7.06
CA SER B 229 5.52 -2.58 6.88
C SER B 229 5.04 -1.66 7.98
N TYR B 230 4.02 -2.08 8.72
CA TYR B 230 3.46 -1.27 9.78
C TYR B 230 4.17 -1.48 11.12
N LEU B 231 5.10 -2.43 11.17
CA LEU B 231 5.74 -2.81 12.44
C LEU B 231 7.19 -2.40 12.44
N THR B 232 7.80 -2.22 13.61
CA THR B 232 9.23 -1.90 13.66
C THR B 232 10.10 -2.89 14.42
N GLY B 233 11.40 -2.68 14.29
CA GLY B 233 12.33 -3.60 14.87
C GLY B 233 12.19 -4.91 14.15
N SER B 234 12.95 -5.90 14.61
CA SER B 234 12.91 -7.21 14.02
C SER B 234 11.84 -7.99 14.74
N ARG B 235 11.55 -9.19 14.23
CA ARG B 235 10.57 -10.05 14.83
C ARG B 235 11.01 -10.51 16.24
N ASP B 236 12.27 -10.84 16.40
CA ASP B 236 12.71 -11.27 17.73
C ASP B 236 12.36 -10.21 18.77
N GLU B 237 12.74 -8.97 18.49
CA GLU B 237 12.55 -7.85 19.42
C GLU B 237 11.08 -7.73 19.77
N ARG B 238 10.24 -7.80 18.75
CA ARG B 238 8.82 -7.68 18.99
C ARG B 238 8.29 -8.82 19.87
N LYS B 239 8.71 -10.04 19.60
CA LYS B 239 8.29 -11.16 20.44
C LYS B 239 8.85 -11.00 21.86
N LYS B 240 10.13 -10.68 21.93
CA LYS B 240 10.78 -10.56 23.22
C LYS B 240 9.95 -9.61 24.04
N SER B 241 9.48 -8.57 23.37
CA SER B 241 8.84 -7.47 24.07
C SER B 241 7.43 -7.86 24.49
N LEU B 242 6.66 -8.40 23.57
CA LEU B 242 5.28 -8.80 23.84
C LEU B 242 5.23 -9.77 25.01
N LEU B 243 5.99 -10.85 24.89
CA LEU B 243 6.05 -11.87 25.91
C LEU B 243 6.33 -11.23 27.26
N SER B 244 7.35 -10.39 27.27
CA SER B 244 7.68 -9.67 28.48
C SER B 244 6.49 -8.85 28.97
N LYS B 245 5.88 -8.07 28.09
CA LYS B 245 4.68 -7.32 28.44
C LYS B 245 3.58 -8.22 28.97
N PHE B 246 3.84 -9.53 29.03
CA PHE B 246 2.83 -10.49 29.50
C PHE B 246 3.36 -11.28 30.68
N GLY B 247 4.51 -10.88 31.20
CA GLY B 247 5.08 -11.52 32.39
C GLY B 247 5.98 -12.70 32.07
N MET B 248 6.20 -12.97 30.79
CA MET B 248 7.02 -14.12 30.41
C MET B 248 8.29 -13.74 29.67
N ASP B 249 9.33 -14.56 29.85
CA ASP B 249 10.54 -14.44 29.07
C ASP B 249 10.38 -15.22 27.77
N GLU B 250 11.39 -15.16 26.91
CA GLU B 250 11.31 -15.68 25.54
C GLU B 250 10.99 -17.17 25.49
N GLY B 251 10.46 -17.60 24.35
CA GLY B 251 10.12 -19.00 24.14
C GLY B 251 9.23 -19.05 22.93
N VAL B 252 9.13 -20.21 22.29
CA VAL B 252 8.40 -20.27 21.04
C VAL B 252 6.91 -20.11 21.31
N THR B 253 6.31 -19.22 20.57
CA THR B 253 5.04 -18.64 20.97
C THR B 253 3.89 -19.02 20.05
N PHE B 254 2.83 -19.53 20.63
CA PHE B 254 1.68 -19.95 19.86
C PHE B 254 0.48 -19.08 20.18
N MET B 255 -0.27 -18.70 19.17
CA MET B 255 -1.42 -17.84 19.39
C MET B 255 -2.74 -18.42 18.83
N PHE B 256 -3.82 -18.24 19.59
CA PHE B 256 -5.18 -18.56 19.13
C PHE B 256 -6.07 -17.33 19.27
N ILE B 257 -6.82 -17.03 18.22
CA ILE B 257 -7.70 -15.87 18.23
C ILE B 257 -9.06 -16.33 17.74
N GLY B 258 -10.02 -16.38 18.64
CA GLY B 258 -11.32 -16.90 18.29
C GLY B 258 -12.34 -16.84 19.40
N ARG B 259 -13.61 -16.81 18.97
CA ARG B 259 -14.72 -16.85 19.89
C ARG B 259 -14.59 -18.15 20.67
N PHE B 260 -15.15 -18.21 21.87
CA PHE B 260 -15.06 -19.40 22.71
C PHE B 260 -16.37 -20.16 22.63
N ASP B 261 -16.37 -21.31 21.97
CA ASP B 261 -17.60 -22.02 21.71
C ASP B 261 -17.39 -23.50 21.40
N ARG B 262 -18.49 -24.23 21.36
CA ARG B 262 -18.45 -25.65 21.14
C ARG B 262 -18.56 -25.97 19.67
N GLY B 263 -17.67 -26.84 19.20
CA GLY B 263 -17.82 -27.43 17.87
C GLY B 263 -17.68 -26.47 16.71
N GLN B 264 -16.94 -25.39 16.90
CA GLN B 264 -16.77 -24.43 15.84
C GLN B 264 -15.33 -24.01 15.75
N LYS B 265 -14.96 -23.06 16.60
CA LYS B 265 -13.63 -22.48 16.54
C LYS B 265 -12.60 -23.36 17.26
N GLY B 266 -13.07 -24.21 18.16
CA GLY B 266 -12.24 -25.27 18.71
C GLY B 266 -11.23 -24.88 19.78
N VAL B 267 -11.53 -23.85 20.56
CA VAL B 267 -10.67 -23.52 21.67
C VAL B 267 -10.57 -24.74 22.60
N ASP B 268 -11.70 -25.43 22.78
CA ASP B 268 -11.77 -26.62 23.65
C ASP B 268 -10.75 -27.68 23.25
N VAL B 269 -10.53 -27.84 21.94
CA VAL B 269 -9.52 -28.76 21.45
C VAL B 269 -8.14 -28.29 21.89
N LEU B 270 -7.90 -26.99 21.76
CA LEU B 270 -6.62 -26.40 22.12
C LEU B 270 -6.37 -26.42 23.63
N LEU B 271 -7.39 -26.15 24.42
CA LEU B 271 -7.22 -26.12 25.88
C LEU B 271 -6.83 -27.50 26.36
N LYS B 272 -7.40 -28.51 25.71
CA LYS B 272 -7.10 -29.89 26.02
C LYS B 272 -5.72 -30.29 25.51
N ALA B 273 -5.35 -29.77 24.34
CA ALA B 273 -4.04 -30.05 23.78
C ALA B 273 -2.97 -29.53 24.73
N ILE B 274 -3.29 -28.43 25.40
CA ILE B 274 -2.35 -27.78 26.26
C ILE B 274 -2.16 -28.64 27.50
N GLU B 275 -3.27 -29.11 28.06
CA GLU B 275 -3.19 -30.00 29.20
C GLU B 275 -2.33 -31.19 28.85
N ILE B 276 -2.57 -31.75 27.67
CA ILE B 276 -1.84 -32.93 27.23
C ILE B 276 -0.34 -32.67 27.20
N LEU B 277 0.02 -31.43 26.90
CA LEU B 277 1.41 -31.04 26.82
C LEU B 277 1.98 -30.65 28.18
N SER B 278 1.11 -30.21 29.08
CA SER B 278 1.54 -29.65 30.38
C SER B 278 2.18 -30.69 31.27
N SER B 279 2.69 -31.76 30.68
CA SER B 279 3.41 -32.74 31.45
C SER B 279 4.70 -33.15 30.76
N LYS B 280 4.87 -32.71 29.51
CA LYS B 280 6.10 -32.99 28.78
C LYS B 280 7.20 -32.02 29.22
N LYS B 281 8.44 -32.40 28.98
CA LYS B 281 9.59 -31.56 29.31
C LYS B 281 9.71 -30.33 28.41
N GLU B 282 9.15 -30.37 27.20
CA GLU B 282 9.31 -29.24 26.26
C GLU B 282 8.22 -28.18 26.40
N PHE B 283 7.18 -28.53 27.15
CA PHE B 283 6.09 -27.63 27.45
C PHE B 283 6.60 -26.40 28.15
N GLN B 284 7.90 -26.33 28.33
CA GLN B 284 8.47 -25.25 29.08
C GLN B 284 9.07 -24.22 28.17
N GLU B 285 9.38 -24.64 26.95
CA GLU B 285 9.90 -23.73 25.96
C GLU B 285 8.74 -23.24 25.10
N MET B 286 7.55 -23.20 25.69
CA MET B 286 6.38 -22.83 24.93
C MET B 286 5.58 -21.76 25.59
N ARG B 287 5.06 -20.82 24.80
CA ARG B 287 4.16 -19.81 25.35
C ARG B 287 2.88 -19.76 24.54
N PHE B 288 1.77 -19.60 25.24
CA PHE B 288 0.46 -19.62 24.61
C PHE B 288 -0.33 -18.37 24.90
N ILE B 289 -0.82 -17.72 23.85
CA ILE B 289 -1.71 -16.59 23.99
C ILE B 289 -3.08 -16.97 23.46
N ILE B 290 -4.10 -16.96 24.32
CA ILE B 290 -5.45 -17.38 23.93
C ILE B 290 -6.39 -16.20 23.95
N ILE B 291 -6.92 -15.81 22.78
CA ILE B 291 -7.71 -14.58 22.70
C ILE B 291 -9.13 -14.83 22.24
N GLY B 292 -10.10 -14.36 23.02
CA GLY B 292 -11.50 -14.43 22.60
C GLY B 292 -12.41 -14.41 23.79
N LYS B 293 -13.68 -14.71 23.56
CA LYS B 293 -14.64 -14.84 24.65
C LYS B 293 -15.89 -15.59 24.17
N GLY B 294 -16.75 -15.96 25.08
CA GLY B 294 -17.99 -16.60 24.69
C GLY B 294 -18.50 -17.46 25.81
N ASP B 295 -18.23 -18.76 25.73
CA ASP B 295 -18.75 -19.70 26.70
C ASP B 295 -18.03 -19.63 28.04
N PRO B 296 -18.78 -19.29 29.09
CA PRO B 296 -18.24 -19.13 30.44
C PRO B 296 -17.46 -20.37 30.87
N GLU B 297 -18.06 -21.50 30.62
CA GLU B 297 -17.46 -22.78 30.90
C GLU B 297 -16.12 -22.75 30.26
N LEU B 298 -16.10 -22.32 29.01
CA LEU B 298 -14.89 -22.32 28.20
C LEU B 298 -13.92 -21.29 28.74
N GLU B 299 -14.44 -20.11 29.06
CA GLU B 299 -13.64 -19.08 29.65
C GLU B 299 -12.93 -19.61 30.87
N GLY B 300 -13.69 -20.01 31.88
CA GLY B 300 -13.14 -20.43 33.17
C GLY B 300 -12.04 -21.44 33.00
N TRP B 301 -12.26 -22.39 32.11
CA TRP B 301 -11.29 -23.43 31.85
C TRP B 301 -9.97 -22.81 31.42
N ALA B 302 -10.05 -21.74 30.63
CA ALA B 302 -8.86 -21.02 30.16
C ALA B 302 -8.20 -20.17 31.27
N ARG B 303 -9.02 -19.42 32.00
CA ARG B 303 -8.53 -18.63 33.14
C ARG B 303 -7.81 -19.49 34.14
N SER B 304 -8.27 -20.73 34.27
CA SER B 304 -7.72 -21.65 35.24
C SER B 304 -6.34 -22.09 34.80
N LEU B 305 -6.24 -22.55 33.56
CA LEU B 305 -4.95 -22.92 32.99
C LEU B 305 -3.95 -21.76 33.09
N GLU B 306 -4.44 -20.55 32.83
CA GLU B 306 -3.63 -19.35 33.02
C GLU B 306 -3.09 -19.33 34.43
N GLU B 307 -3.94 -19.68 35.40
CA GLU B 307 -3.54 -19.69 36.80
C GLU B 307 -2.59 -20.84 37.13
N LYS B 308 -2.92 -22.02 36.63
CA LYS B 308 -2.04 -23.17 36.76
C LYS B 308 -0.65 -22.94 36.16
N HIS B 309 -0.55 -22.13 35.10
CA HIS B 309 0.72 -21.95 34.39
C HIS B 309 1.09 -20.51 34.06
N GLY B 310 2.37 -20.20 34.21
CA GLY B 310 2.91 -18.88 33.95
C GLY B 310 3.46 -18.92 32.55
N ASN B 311 2.65 -19.50 31.72
CA ASN B 311 3.07 -19.94 30.42
C ASN B 311 1.89 -19.72 29.53
N VAL B 312 0.80 -19.35 30.08
CA VAL B 312 -0.39 -19.19 29.30
C VAL B 312 -1.04 -17.85 29.58
N LYS B 313 -1.21 -17.05 28.55
CA LYS B 313 -1.87 -15.78 28.75
C LYS B 313 -3.23 -15.86 28.06
N VAL B 314 -4.20 -15.11 28.58
CA VAL B 314 -5.54 -15.17 28.07
C VAL B 314 -6.17 -13.80 28.02
N ILE B 315 -6.70 -13.43 26.85
CA ILE B 315 -7.25 -12.11 26.64
C ILE B 315 -8.69 -12.19 26.13
N THR B 316 -9.60 -11.78 26.99
CA THR B 316 -11.01 -11.83 26.71
C THR B 316 -11.55 -10.45 26.36
N GLU B 317 -10.70 -9.44 26.43
CA GLU B 317 -11.14 -8.13 26.00
C GLU B 317 -11.14 -8.06 24.48
N MET B 318 -11.77 -7.04 23.97
CA MET B 318 -11.87 -6.81 22.55
C MET B 318 -10.56 -6.27 22.06
N LEU B 319 -10.04 -6.86 20.99
CA LEU B 319 -8.74 -6.48 20.45
C LEU B 319 -8.89 -5.84 19.08
N SER B 320 -8.27 -4.68 18.91
CA SER B 320 -8.37 -3.98 17.64
C SER B 320 -7.56 -4.69 16.61
N ARG B 321 -7.89 -4.49 15.35
CA ARG B 321 -7.18 -5.20 14.33
C ARG B 321 -5.78 -4.65 14.11
N GLU B 322 -5.55 -3.38 14.41
CA GLU B 322 -4.18 -2.87 14.40
C GLU B 322 -3.36 -3.72 15.37
N PHE B 323 -3.92 -4.01 16.55
CA PHE B 323 -3.16 -4.73 17.56
C PHE B 323 -3.00 -6.20 17.20
N VAL B 324 -4.04 -6.78 16.64
CA VAL B 324 -3.96 -8.17 16.23
C VAL B 324 -2.89 -8.33 15.16
N ARG B 325 -2.77 -7.32 14.30
CA ARG B 325 -1.74 -7.32 13.28
C ARG B 325 -0.34 -7.33 13.92
N GLU B 326 -0.17 -6.56 15.00
CA GLU B 326 1.06 -6.63 15.82
C GLU B 326 1.32 -8.03 16.36
N LEU B 327 0.31 -8.62 16.97
CA LEU B 327 0.44 -9.98 17.47
C LEU B 327 0.94 -10.93 16.38
N TYR B 328 0.23 -10.99 15.26
CA TYR B 328 0.60 -11.88 14.16
C TYR B 328 2.02 -11.60 13.69
N GLY B 329 2.44 -10.35 13.78
CA GLY B 329 3.75 -9.95 13.30
C GLY B 329 4.86 -10.26 14.29
N SER B 330 4.53 -10.90 15.40
CA SER B 330 5.53 -11.13 16.42
C SER B 330 5.52 -12.56 17.02
N VAL B 331 4.37 -13.23 17.05
CA VAL B 331 4.33 -14.64 17.45
C VAL B 331 5.00 -15.59 16.44
N ASP B 332 5.19 -16.85 16.84
CA ASP B 332 5.83 -17.83 15.97
C ASP B 332 4.81 -18.59 15.15
N PHE B 333 3.74 -19.02 15.82
CA PHE B 333 2.70 -19.80 15.20
C PHE B 333 1.36 -19.24 15.60
N VAL B 334 0.41 -19.40 14.70
CA VAL B 334 -0.99 -19.18 15.00
C VAL B 334 -1.67 -20.54 14.89
N ILE B 335 -2.58 -20.81 15.82
CA ILE B 335 -3.25 -22.09 15.87
C ILE B 335 -4.74 -21.94 15.51
N ILE B 336 -5.17 -22.69 14.51
CA ILE B 336 -6.51 -22.53 13.96
C ILE B 336 -7.24 -23.89 13.93
N PRO B 337 -7.71 -24.33 15.12
CA PRO B 337 -8.31 -25.63 15.30
C PRO B 337 -9.81 -25.63 15.03
N SER B 338 -10.21 -25.12 13.87
CA SER B 338 -11.62 -25.05 13.55
C SER B 338 -12.18 -26.42 13.26
N TYR B 339 -13.49 -26.56 13.44
CA TYR B 339 -14.18 -27.78 13.05
C TYR B 339 -14.64 -27.69 11.61
N PHE B 340 -14.72 -26.49 11.06
CA PHE B 340 -15.09 -26.29 9.66
C PHE B 340 -14.73 -24.86 9.31
N GLU B 341 -14.48 -24.57 8.04
CA GLU B 341 -14.02 -23.25 7.66
C GLU B 341 -14.29 -22.97 6.20
N PRO B 342 -15.29 -22.16 5.93
CA PRO B 342 -15.63 -21.91 4.53
C PRO B 342 -14.45 -21.37 3.74
N PHE B 343 -13.70 -20.43 4.30
CA PHE B 343 -12.56 -19.94 3.58
C PHE B 343 -11.29 -20.10 4.43
N GLY B 344 -11.11 -19.30 5.48
CA GLY B 344 -9.87 -19.36 6.26
C GLY B 344 -9.16 -18.02 6.34
N LEU B 345 -9.90 -16.93 6.49
CA LEU B 345 -9.30 -15.59 6.47
C LEU B 345 -8.17 -15.45 7.48
N VAL B 346 -8.43 -15.87 8.72
CA VAL B 346 -7.44 -15.75 9.79
C VAL B 346 -6.11 -16.40 9.44
N ALA B 347 -6.13 -17.48 8.68
CA ALA B 347 -4.88 -18.14 8.34
C ALA B 347 -4.13 -17.23 7.39
N LEU B 348 -4.84 -16.54 6.51
CA LEU B 348 -4.20 -15.63 5.57
C LEU B 348 -3.63 -14.40 6.24
N GLU B 349 -4.38 -13.83 7.18
CA GLU B 349 -3.90 -12.65 7.88
C GLU B 349 -2.60 -12.99 8.61
N ALA B 350 -2.60 -14.15 9.25
CA ALA B 350 -1.43 -14.61 9.95
C ALA B 350 -0.24 -14.84 9.01
N MET B 351 -0.50 -15.45 7.86
CA MET B 351 0.57 -15.75 6.93
C MET B 351 1.10 -14.48 6.27
N CYS B 352 0.24 -13.46 6.12
CA CYS B 352 0.66 -12.21 5.47
C CYS B 352 1.63 -11.56 6.40
N LEU B 353 1.62 -11.98 7.67
CA LEU B 353 2.48 -11.38 8.68
C LEU B 353 3.60 -12.29 9.19
N GLY B 354 3.86 -13.38 8.49
CA GLY B 354 4.95 -14.26 8.84
C GLY B 354 4.65 -15.25 9.96
N ALA B 355 3.46 -15.23 10.54
CA ALA B 355 3.13 -16.25 11.51
C ALA B 355 2.82 -17.54 10.77
N ILE B 356 3.36 -18.66 11.24
CA ILE B 356 3.14 -19.94 10.60
C ILE B 356 1.92 -20.61 11.23
N PRO B 357 0.93 -21.00 10.41
CA PRO B 357 -0.28 -21.62 10.90
C PRO B 357 -0.19 -23.13 11.21
N ILE B 358 -0.86 -23.50 12.30
CA ILE B 358 -1.18 -24.87 12.61
C ILE B 358 -2.72 -24.93 12.61
N ALA B 359 -3.28 -25.59 11.61
CA ALA B 359 -4.71 -25.52 11.40
C ALA B 359 -5.39 -26.90 11.23
N SER B 360 -6.69 -26.95 11.51
CA SER B 360 -7.46 -28.13 11.16
C SER B 360 -7.55 -28.20 9.65
N ALA B 361 -7.45 -29.42 9.14
CA ALA B 361 -7.53 -29.67 7.73
C ALA B 361 -8.97 -29.64 7.28
N VAL B 362 -9.64 -28.49 7.47
CA VAL B 362 -11.04 -28.35 7.10
C VAL B 362 -11.24 -27.22 6.11
N GLY B 363 -12.15 -27.43 5.17
CA GLY B 363 -12.56 -26.37 4.26
C GLY B 363 -11.41 -25.67 3.59
N GLY B 364 -11.49 -24.33 3.55
CA GLY B 364 -10.51 -23.50 2.85
C GLY B 364 -9.11 -23.60 3.43
N LEU B 365 -9.01 -23.97 4.70
CA LEU B 365 -7.69 -24.11 5.30
C LEU B 365 -6.86 -25.10 4.53
N ARG B 366 -7.47 -26.17 4.05
CA ARG B 366 -6.80 -27.16 3.22
C ARG B 366 -6.39 -26.54 1.88
N ASP B 367 -7.07 -25.50 1.44
CA ASP B 367 -6.74 -24.88 0.17
C ASP B 367 -5.55 -24.01 0.39
N ILE B 368 -5.66 -23.17 1.42
CA ILE B 368 -4.71 -22.11 1.69
C ILE B 368 -3.33 -22.64 2.15
N ILE B 369 -3.34 -23.55 3.11
CA ILE B 369 -2.13 -23.98 3.78
C ILE B 369 -1.53 -25.18 3.08
N THR B 370 -0.50 -24.94 2.29
CA THR B 370 0.23 -26.01 1.64
C THR B 370 1.38 -26.46 2.51
N ASN B 371 2.07 -27.45 2.02
CA ASN B 371 2.96 -28.19 2.86
C ASN B 371 4.27 -27.42 3.16
N GLU B 372 4.53 -26.38 2.36
CA GLU B 372 5.65 -25.48 2.65
C GLU B 372 5.23 -24.26 3.41
N THR B 373 3.98 -24.20 3.86
CA THR B 373 3.49 -22.96 4.43
C THR B 373 2.62 -23.10 5.65
N GLY B 374 2.78 -24.18 6.42
CA GLY B 374 1.93 -24.39 7.58
C GLY B 374 1.87 -25.86 7.89
N ILE B 375 1.22 -26.21 8.99
CA ILE B 375 1.02 -27.59 9.38
C ILE B 375 -0.46 -27.83 9.48
N LEU B 376 -0.94 -28.95 8.95
CA LEU B 376 -2.37 -29.27 8.99
C LEU B 376 -2.63 -30.48 9.85
N VAL B 377 -3.81 -30.58 10.44
CA VAL B 377 -4.05 -31.56 11.48
C VAL B 377 -5.52 -31.97 11.49
N LYS B 378 -5.85 -33.18 11.94
CA LYS B 378 -7.25 -33.60 12.00
C LYS B 378 -8.00 -32.65 12.87
N ALA B 379 -9.20 -32.28 12.45
CA ALA B 379 -10.04 -31.44 13.29
C ALA B 379 -10.53 -32.27 14.49
N GLY B 380 -10.86 -31.58 15.58
CA GLY B 380 -11.44 -32.21 16.76
C GLY B 380 -10.53 -33.12 17.56
N ASP B 381 -9.23 -33.14 17.27
CA ASP B 381 -8.33 -34.13 17.87
C ASP B 381 -7.20 -33.52 18.74
N PRO B 382 -7.43 -33.40 20.04
CA PRO B 382 -6.46 -32.72 20.89
C PRO B 382 -5.07 -33.35 20.84
N GLY B 383 -4.99 -34.67 20.72
CA GLY B 383 -3.71 -35.35 20.68
C GLY B 383 -2.92 -35.07 19.43
N GLU B 384 -3.63 -34.93 18.32
CA GLU B 384 -3.01 -34.61 17.04
C GLU B 384 -2.49 -33.18 17.06
N LEU B 385 -3.24 -32.31 17.71
CA LEU B 385 -2.90 -30.89 17.81
C LEU B 385 -1.71 -30.71 18.74
N ALA B 386 -1.75 -31.39 19.88
CA ALA B 386 -0.66 -31.32 20.87
C ALA B 386 0.59 -31.83 20.20
N ASN B 387 0.42 -32.86 19.39
CA ASN B 387 1.53 -33.47 18.70
C ASN B 387 2.15 -32.52 17.66
N ALA B 388 1.30 -31.82 16.92
CA ALA B 388 1.75 -30.87 15.89
C ALA B 388 2.51 -29.69 16.51
N ILE B 389 2.00 -29.22 17.64
CA ILE B 389 2.65 -28.20 18.42
C ILE B 389 4.06 -28.63 18.81
N LEU B 390 4.20 -29.93 19.06
CA LEU B 390 5.48 -30.51 19.42
C LEU B 390 6.43 -30.45 18.22
N LYS B 391 5.91 -30.88 17.08
CA LYS B 391 6.69 -30.90 15.86
C LYS B 391 7.19 -29.49 15.58
N ALA B 392 6.30 -28.51 15.74
CA ALA B 392 6.59 -27.13 15.41
C ALA B 392 7.70 -26.62 16.31
N LEU B 393 7.62 -26.98 17.57
CA LEU B 393 8.64 -26.59 18.52
C LEU B 393 10.01 -27.15 18.14
N GLU B 394 10.05 -28.32 17.53
CA GLU B 394 11.30 -28.91 17.07
C GLU B 394 11.71 -28.29 15.74
N LEU B 395 10.75 -27.68 15.08
CA LEU B 395 10.98 -27.18 13.75
C LEU B 395 11.88 -26.03 13.96
N SER B 396 11.71 -25.48 15.15
CA SER B 396 12.20 -24.17 15.50
C SER B 396 13.67 -23.99 15.22
N ARG B 397 14.01 -24.00 13.94
CA ARG B 397 15.34 -23.63 13.49
C ARG B 397 15.24 -22.30 12.81
N SER B 398 16.31 -21.83 12.21
CA SER B 398 16.21 -20.54 11.62
C SER B 398 15.85 -20.75 10.18
N ASP B 399 15.27 -21.91 9.92
CA ASP B 399 14.54 -22.20 8.69
C ASP B 399 13.05 -22.18 8.97
N LEU B 400 12.71 -21.57 10.10
CA LEU B 400 11.36 -21.08 10.33
C LEU B 400 11.18 -19.94 9.34
N SER B 401 12.32 -19.34 9.00
CA SER B 401 12.40 -18.19 8.14
C SER B 401 12.11 -18.52 6.66
N LYS B 402 12.43 -19.75 6.22
CA LYS B 402 11.97 -20.22 4.92
C LYS B 402 10.46 -20.28 4.98
N PHE B 403 9.94 -21.02 5.97
CA PHE B 403 8.50 -21.16 6.12
C PHE B 403 7.84 -19.81 6.00
N ARG B 404 8.33 -18.85 6.80
CA ARG B 404 7.67 -17.54 6.98
C ARG B 404 7.58 -16.80 5.67
N GLU B 405 8.64 -16.90 4.89
CA GLU B 405 8.70 -16.23 3.62
C GLU B 405 7.71 -16.86 2.65
N ASN B 406 7.62 -18.18 2.73
CA ASN B 406 6.68 -18.90 1.92
C ASN B 406 5.25 -18.55 2.30
N CYS B 407 5.00 -18.37 3.58
CA CYS B 407 3.69 -18.02 4.05
C CYS B 407 3.22 -16.71 3.42
N LYS B 408 4.13 -15.75 3.33
CA LYS B 408 3.76 -14.44 2.84
C LYS B 408 3.51 -14.49 1.36
N LYS B 409 4.37 -15.20 0.67
CA LYS B 409 4.27 -15.31 -0.76
C LYS B 409 2.92 -15.91 -1.11
N ARG B 410 2.54 -16.90 -0.34
CA ARG B 410 1.37 -17.68 -0.59
C ARG B 410 0.14 -16.83 -0.33
N ALA B 411 0.02 -16.35 0.91
CA ALA B 411 -1.16 -15.60 1.34
C ALA B 411 -1.51 -14.47 0.37
N MET B 412 -0.49 -13.89 -0.24
CA MET B 412 -0.69 -12.76 -1.10
C MET B 412 -1.11 -13.10 -2.49
N SER B 413 -1.11 -14.37 -2.85
CA SER B 413 -1.70 -14.73 -4.13
C SER B 413 -3.20 -14.72 -4.01
N PHE B 414 -3.74 -14.57 -2.80
CA PHE B 414 -5.20 -14.55 -2.61
C PHE B 414 -5.74 -13.11 -2.68
N SER B 415 -5.58 -12.48 -3.84
CA SER B 415 -6.00 -11.10 -3.98
C SER B 415 -7.47 -11.06 -4.28
N TRP B 416 -8.12 -9.98 -3.87
CA TRP B 416 -9.48 -9.69 -4.30
C TRP B 416 -9.61 -9.43 -5.78
N GLU B 417 -8.52 -9.05 -6.44
CA GLU B 417 -8.60 -8.82 -7.88
C GLU B 417 -8.81 -10.13 -8.62
N LYS B 418 -8.21 -11.20 -8.12
CA LYS B 418 -8.41 -12.51 -8.75
C LYS B 418 -9.80 -13.02 -8.50
N SER B 419 -10.33 -12.77 -7.30
CA SER B 419 -11.70 -13.18 -7.02
C SER B 419 -12.61 -12.53 -8.03
N ALA B 420 -12.46 -11.22 -8.17
CA ALA B 420 -13.32 -10.46 -9.08
C ALA B 420 -13.24 -11.00 -10.50
N GLU B 421 -12.02 -11.18 -11.00
CA GLU B 421 -11.83 -11.67 -12.36
C GLU B 421 -12.52 -13.01 -12.56
N ARG B 422 -12.59 -13.75 -11.47
CA ARG B 422 -13.13 -15.08 -11.45
C ARG B 422 -14.66 -15.06 -11.45
N TYR B 423 -15.22 -14.16 -10.65
CA TYR B 423 -16.66 -13.94 -10.67
C TYR B 423 -17.08 -13.48 -12.06
N VAL B 424 -16.26 -12.65 -12.69
CA VAL B 424 -16.57 -12.16 -14.04
C VAL B 424 -16.71 -13.31 -15.06
N LYS B 425 -15.85 -14.31 -14.96
CA LYS B 425 -15.99 -15.48 -15.84
C LYS B 425 -17.26 -16.19 -15.53
N ALA B 426 -17.59 -16.32 -14.26
CA ALA B 426 -18.82 -17.02 -13.87
C ALA B 426 -20.03 -16.23 -14.31
N TYR B 427 -19.94 -14.91 -14.34
CA TYR B 427 -21.09 -14.12 -14.75
C TYR B 427 -21.37 -14.30 -16.21
N ALA B 428 -20.41 -14.80 -16.97
CA ALA B 428 -20.47 -14.63 -18.41
C ALA B 428 -20.92 -15.89 -19.09
C1 GLC C . -12.48 6.12 -25.32
C2 GLC C . -11.71 4.91 -24.78
C3 GLC C . -10.37 5.21 -24.07
C4 GLC C . -9.52 6.27 -24.76
C5 GLC C . -10.44 7.45 -24.99
C6 GLC C . -9.76 8.62 -25.67
O1 GLC C . -13.42 6.71 -24.37
O2 GLC C . -12.52 4.19 -23.84
O3 GLC C . -9.65 4.00 -23.88
O4 GLC C . -8.43 6.67 -23.88
O5 GLC C . -11.58 7.11 -25.80
O6 GLC C . -9.71 8.35 -27.07
C1 GLC C . -7.06 6.25 -24.06
C2 GLC C . -6.26 6.04 -22.75
C3 GLC C . -5.96 7.34 -21.96
C4 GLC C . -5.62 8.52 -22.85
C5 GLC C . -6.63 8.51 -24.00
C6 GLC C . -6.51 9.73 -24.90
O2 GLC C . -6.93 5.15 -21.84
O3 GLC C . -4.87 7.18 -21.05
O4 GLC C . -5.64 9.71 -22.06
O5 GLC C . -6.41 7.30 -24.74
O6 GLC C . -5.22 10.28 -24.67
C1 GLC C . -4.34 10.33 -22.01
C2 GLC C . -3.72 10.41 -20.62
C3 GLC C . -4.64 11.20 -19.71
C4 GLC C . -4.85 12.60 -20.27
C5 GLC C . -5.27 12.52 -21.74
C6 GLC C . -5.17 13.90 -22.39
O2 GLC C . -3.51 9.12 -20.03
O3 GLC C . -4.11 11.25 -18.37
O4 GLC C . -5.89 13.23 -19.52
O5 GLC C . -4.44 11.67 -22.51
O6 GLC C . -5.68 14.87 -21.46
C1 GLC C . -5.64 14.49 -18.93
C2 GLC C . -5.68 14.30 -17.41
C3 GLC C . -7.10 14.12 -16.87
C4 GLC C . -7.95 15.24 -17.45
C5 GLC C . -7.91 15.14 -18.96
C6 GLC C . -8.94 16.04 -19.65
O2 GLC C . -4.91 13.12 -17.14
O3 GLC C . -7.14 14.10 -15.42
O4 GLC C . -9.31 15.10 -17.02
O5 GLC C . -6.58 15.47 -19.37
O6 GLC C . -8.34 17.20 -20.21
C1 GLC D . -44.78 -34.61 -0.13
C2 GLC D . -45.47 -33.82 0.96
C3 GLC D . -44.46 -33.04 1.81
C4 GLC D . -43.12 -33.77 2.06
C5 GLC D . -42.63 -34.32 0.71
C6 GLC D . -42.58 -35.83 0.73
O1 GLC D . -45.61 -34.59 -1.30
O2 GLC D . -46.41 -32.89 0.39
O3 GLC D . -45.18 -32.75 3.01
O4 GLC D . -42.16 -32.92 2.76
O5 GLC D . -43.51 -33.99 -0.36
O6 GLC D . -41.26 -36.25 1.11
C1 GLC D . -40.71 -33.09 2.63
C2 GLC D . -39.92 -32.08 3.49
C3 GLC D . -39.00 -31.14 2.71
C4 GLC D . -38.06 -31.85 1.75
C5 GLC D . -38.86 -32.91 1.04
C6 GLC D . -38.22 -34.23 1.42
O2 GLC D . -40.82 -31.22 4.18
O3 GLC D . -38.14 -30.36 3.56
O4 GLC D . -37.53 -30.92 0.81
O5 GLC D . -40.27 -32.86 1.29
O6 GLC D . -37.11 -34.29 0.53
C1 GLC D . -36.10 -30.90 0.65
C2 GLC D . -35.55 -29.48 0.83
C3 GLC D . -36.32 -28.62 -0.16
C4 GLC D . -35.92 -29.06 -1.56
C5 GLC D . -36.22 -30.54 -1.76
C6 GLC D . -35.57 -31.09 -3.04
O2 GLC D . -35.72 -29.02 2.17
O3 GLC D . -36.08 -27.22 0.06
O4 GLC D . -36.63 -28.31 -2.53
O5 GLC D . -35.74 -31.32 -0.67
O6 GLC D . -35.77 -30.20 -4.16
C1 GLC D . -35.74 -27.66 -3.43
C2 GLC D . -35.73 -26.15 -3.16
C3 GLC D . -37.06 -25.54 -3.54
C4 GLC D . -37.36 -25.90 -4.96
C5 GLC D . -37.40 -27.39 -5.14
C6 GLC D . -37.66 -27.68 -6.60
O2 GLC D . -35.55 -25.86 -1.77
O3 GLC D . -37.04 -24.10 -3.37
O4 GLC D . -38.64 -25.37 -5.31
O5 GLC D . -36.14 -27.98 -4.76
O6 GLC D . -37.67 -29.09 -6.75
K K E . 18.83 14.90 -9.10
K K F . -16.08 0.69 7.80
K K G . 14.59 30.18 -21.50
CL CL H . -14.06 11.39 3.68
CL CL I . 17.34 9.93 -5.70
CL CL J . 6.72 22.62 -29.89
C1 GOL K . 9.78 8.90 -6.99
O1 GOL K . 10.09 7.94 -6.01
C2 GOL K . 10.01 10.27 -6.36
O2 GOL K . 8.94 11.09 -6.77
C3 GOL K . 11.34 10.82 -6.89
O3 GOL K . 11.25 12.21 -7.12
C1 GOL L . 8.62 5.06 -7.15
O1 GOL L . 9.78 5.71 -6.66
C2 GOL L . 7.38 5.89 -6.82
O2 GOL L . 6.25 5.35 -7.45
C3 GOL L . 7.54 7.28 -7.39
O3 GOL L . 7.58 7.16 -8.79
K K M . -13.82 -17.85 6.95
K K N . -52.11 -1.67 5.83
K K O . -12.48 -9.01 -15.50
CL CL P . -45.31 -5.54 -3.37
CL CL Q . -17.13 -14.17 10.93
CL CL R . -14.54 -30.29 -7.05
C1 GOL S . -24.44 -15.42 8.64
O1 GOL S . -24.98 -14.38 9.43
C2 GOL S . -23.78 -14.80 7.42
O2 GOL S . -24.42 -15.20 6.22
C3 GOL S . -22.32 -15.25 7.39
O3 GOL S . -22.03 -15.82 6.14
C1 GOL T . -27.69 -16.41 11.95
O1 GOL T . -26.47 -15.89 12.40
C2 GOL T . -28.06 -15.71 10.65
O2 GOL T . -29.37 -16.00 10.29
C3 GOL T . -27.17 -16.23 9.52
O3 GOL T . -27.84 -17.34 8.97
#